data_2FV1
#
_entry.id   2FV1
#
_cell.length_a   87.735
_cell.length_b   94.890
_cell.length_c   95.410
_cell.angle_alpha   90.00
_cell.angle_beta   90.00
_cell.angle_gamma   90.00
#
_symmetry.space_group_name_H-M   'P 21 21 21'
#
loop_
_entity.id
_entity.type
_entity.pdbx_description
1 polymer 'Unsaturated glucuronyl hydrolase'
2 branched '2,6-anhydro-3-deoxy-L-threo-hex-2-enonic acid-(1-3)-2-acetamido-2-deoxy-alpha-D-glucopyranose'
3 water water
#
_entity_poly.entity_id   1
_entity_poly.type   'polypeptide(L)'
_entity_poly.pdbx_seq_one_letter_code
;MWQQAIGDALGITARNLKKFGDRFPHVSDGSNKYVLNDNTDWTDGFWSGILWLCYEYTGDEQYREGAVRTVASFRERLDR
FENLDHHNIGFLYSLSAKAQWIVEKDESARKLALDAADVLMRRWRADAGIIQAWGPKGDPENGGRIIIDCLLNLPLLLWA
GEQTGDPEYRRVAEAHALKSRRFLVRGDDSSYHTFYFDPENGNAIRGGTHQGNTDGSTWTRGQAWGIYGFALNSRYLGNA
DLLETAKRMARHFLARVPEDGVVYWDFEVPQEPSSYRDSSASAITACGLLEIASQLDESDPERQRFIDAAKTTVTALRDG
YAERDDGEAEGFIRRGSYHVRGGISPDDYTIWGDYYYLEALLRLERGVTGYWYERGR
;
_entity_poly.pdbx_strand_id   A,B
#
loop_
_chem_comp.id
_chem_comp.type
_chem_comp.name
_chem_comp.formula
GAD L-saccharide '2,6-anhydro-3-deoxy-L-threo-hex-2-enonic acid' 'C6 H8 O5'
NDG D-saccharide, alpha linking 2-acetamido-2-deoxy-alpha-D-glucopyranose 'C8 H15 N O6'
#
# COMPACT_ATOMS: atom_id res chain seq x y z
N MET A 1 28.16 -10.97 24.35
CA MET A 1 27.15 -9.88 24.13
C MET A 1 25.73 -10.42 24.23
N TRP A 2 25.58 -11.72 23.99
CA TRP A 2 24.26 -12.36 24.03
C TRP A 2 24.22 -13.54 24.99
N GLN A 3 25.38 -13.97 25.47
CA GLN A 3 25.44 -15.12 26.37
C GLN A 3 24.64 -15.01 27.65
N GLN A 4 24.65 -13.84 28.29
CA GLN A 4 23.89 -13.68 29.53
C GLN A 4 22.39 -13.66 29.28
N ALA A 5 21.98 -13.04 28.18
CA ALA A 5 20.55 -12.98 27.85
C ALA A 5 20.06 -14.41 27.62
N ILE A 6 20.84 -15.19 26.88
CA ILE A 6 20.50 -16.57 26.59
C ILE A 6 20.53 -17.38 27.90
N GLY A 7 21.52 -17.08 28.74
CA GLY A 7 21.64 -17.79 30.01
C GLY A 7 20.38 -17.75 30.84
N ASP A 8 19.77 -16.57 30.94
CA ASP A 8 18.54 -16.43 31.71
C ASP A 8 17.40 -17.23 31.08
N ALA A 9 17.32 -17.21 29.75
CA ALA A 9 16.28 -17.96 29.05
C ALA A 9 16.43 -19.46 29.30
N LEU A 10 17.66 -19.94 29.24
CA LEU A 10 17.94 -21.36 29.45
C LEU A 10 17.51 -21.78 30.85
N GLY A 11 17.87 -20.96 31.84
CA GLY A 11 17.52 -21.26 33.22
C GLY A 11 16.03 -21.26 33.46
N ILE A 12 15.35 -20.26 32.91
CA ILE A 12 13.90 -20.16 33.05
C ILE A 12 13.24 -21.35 32.37
N THR A 13 13.71 -21.69 31.18
CA THR A 13 13.15 -22.82 30.44
C THR A 13 13.32 -24.15 31.18
N ALA A 14 14.51 -24.38 31.75
CA ALA A 14 14.75 -25.62 32.49
C ALA A 14 13.80 -25.75 33.68
N ARG A 15 13.59 -24.63 34.37
CA ARG A 15 12.70 -24.60 35.53
C ARG A 15 11.26 -24.85 35.08
N ASN A 16 10.87 -24.22 33.98
CA ASN A 16 9.53 -24.36 33.43
C ASN A 16 9.19 -25.79 33.03
N LEU A 17 10.11 -26.45 32.35
CA LEU A 17 9.88 -27.81 31.88
C LEU A 17 9.51 -28.73 33.04
N LYS A 18 10.21 -28.59 34.16
CA LYS A 18 9.93 -29.43 35.31
C LYS A 18 8.60 -29.10 35.96
N LYS A 19 8.26 -27.83 36.02
CA LYS A 19 7.01 -27.40 36.63
C LYS A 19 5.77 -27.62 35.75
N PHE A 20 5.91 -27.38 34.45
CA PHE A 20 4.78 -27.53 33.54
C PHE A 20 4.36 -28.96 33.24
N GLY A 21 5.29 -29.89 33.37
CA GLY A 21 4.97 -31.28 33.08
C GLY A 21 4.74 -31.42 31.58
N ASP A 22 3.58 -31.96 31.21
CA ASP A 22 3.25 -32.15 29.80
C ASP A 22 2.41 -30.99 29.26
N ARG A 23 2.08 -30.03 30.12
CA ARG A 23 1.27 -28.89 29.72
C ARG A 23 2.07 -27.80 28.99
N PHE A 24 1.35 -26.93 28.28
CA PHE A 24 1.97 -25.86 27.48
C PHE A 24 1.65 -24.44 27.96
N PRO A 25 2.66 -23.56 27.97
CA PRO A 25 2.45 -22.17 28.39
C PRO A 25 1.84 -21.39 27.23
N HIS A 26 1.03 -20.37 27.54
CA HIS A 26 0.39 -19.55 26.50
C HIS A 26 0.73 -18.09 26.77
N VAL A 27 0.13 -17.54 27.82
CA VAL A 27 0.38 -16.16 28.24
C VAL A 27 0.26 -16.10 29.76
N SER A 28 0.76 -15.01 30.36
CA SER A 28 0.59 -14.84 31.79
C SER A 28 -0.65 -13.95 31.89
N ASP A 29 -1.16 -13.74 33.09
CA ASP A 29 -2.33 -12.90 33.27
C ASP A 29 -2.22 -12.13 34.59
N GLY A 30 -1.39 -11.10 34.58
CA GLY A 30 -1.21 -10.29 35.77
C GLY A 30 -0.16 -10.74 36.77
N SER A 31 0.69 -11.69 36.38
CA SER A 31 1.74 -12.17 37.27
C SER A 31 2.89 -12.77 36.46
N ASN A 32 3.94 -13.17 37.16
CA ASN A 32 5.12 -13.75 36.52
C ASN A 32 4.97 -15.25 36.31
N LYS A 33 3.73 -15.72 36.23
CA LYS A 33 3.45 -17.14 36.00
C LYS A 33 2.64 -17.34 34.74
N TYR A 34 3.02 -18.33 33.95
CA TYR A 34 2.31 -18.66 32.73
C TYR A 34 1.03 -19.43 33.04
N VAL A 35 0.00 -19.21 32.22
CA VAL A 35 -1.26 -19.93 32.36
C VAL A 35 -1.06 -21.05 31.34
N LEU A 36 -1.32 -22.28 31.76
CA LEU A 36 -1.10 -23.44 30.89
C LEU A 36 -2.34 -24.08 30.28
N ASN A 37 -2.13 -24.82 29.19
CA ASN A 37 -3.20 -25.53 28.51
C ASN A 37 -2.73 -26.92 28.11
N ASP A 38 -3.66 -27.79 27.77
CA ASP A 38 -3.32 -29.16 27.40
C ASP A 38 -3.20 -29.34 25.89
N ASN A 39 -2.42 -28.44 25.27
CA ASN A 39 -2.18 -28.43 23.83
C ASN A 39 -3.49 -28.22 23.08
N THR A 40 -4.13 -27.08 23.34
CA THR A 40 -5.42 -26.77 22.75
C THR A 40 -5.52 -25.37 22.13
N ASP A 41 -4.43 -24.61 22.09
CA ASP A 41 -4.48 -23.26 21.54
C ASP A 41 -3.65 -23.14 20.27
N TRP A 42 -3.47 -21.91 19.77
CA TRP A 42 -2.71 -21.70 18.55
C TRP A 42 -1.23 -21.44 18.81
N THR A 43 -0.87 -21.34 20.09
CA THR A 43 0.49 -21.01 20.51
C THR A 43 1.36 -22.14 21.04
N ASP A 44 0.80 -23.33 21.16
CA ASP A 44 1.57 -24.45 21.70
C ASP A 44 2.91 -24.76 21.01
N GLY A 45 2.99 -24.49 19.72
CA GLY A 45 4.22 -24.76 18.99
C GLY A 45 5.38 -23.91 19.45
N PHE A 46 5.10 -22.71 19.97
CA PHE A 46 6.17 -21.82 20.41
C PHE A 46 6.95 -22.42 21.58
N TRP A 47 6.26 -23.20 22.42
CA TRP A 47 6.89 -23.87 23.56
C TRP A 47 7.86 -24.90 22.99
N SER A 48 7.38 -25.68 22.02
CA SER A 48 8.22 -26.70 21.37
C SER A 48 9.44 -26.00 20.75
N GLY A 49 9.19 -24.89 20.05
CA GLY A 49 10.28 -24.17 19.42
C GLY A 49 11.33 -23.71 20.42
N ILE A 50 10.87 -23.21 21.57
CA ILE A 50 11.78 -22.75 22.62
C ILE A 50 12.63 -23.93 23.10
N LEU A 51 12.00 -25.07 23.32
CA LEU A 51 12.73 -26.25 23.78
C LEU A 51 13.79 -26.67 22.77
N TRP A 52 13.43 -26.70 21.49
CA TRP A 52 14.40 -27.08 20.47
C TRP A 52 15.56 -26.08 20.40
N LEU A 53 15.26 -24.79 20.51
CA LEU A 53 16.32 -23.79 20.48
C LEU A 53 17.29 -23.98 21.65
N CYS A 54 16.76 -24.21 22.84
CA CYS A 54 17.60 -24.43 24.01
C CYS A 54 18.47 -25.66 23.80
N TYR A 55 17.90 -26.69 23.19
CA TYR A 55 18.64 -27.92 22.93
C TYR A 55 19.76 -27.64 21.94
N GLU A 56 19.46 -26.90 20.87
CA GLU A 56 20.49 -26.60 19.89
C GLU A 56 21.63 -25.79 20.49
N TYR A 57 21.31 -24.91 21.42
CA TYR A 57 22.33 -24.07 22.04
C TYR A 57 23.21 -24.83 23.04
N THR A 58 22.58 -25.67 23.86
CA THR A 58 23.29 -26.40 24.91
C THR A 58 23.70 -27.84 24.65
N GLY A 59 22.89 -28.57 23.90
CA GLY A 59 23.16 -29.96 23.65
C GLY A 59 22.64 -30.78 24.82
N ASP A 60 21.99 -30.09 25.76
CA ASP A 60 21.42 -30.69 26.97
C ASP A 60 20.15 -31.48 26.64
N GLU A 61 20.21 -32.81 26.81
CA GLU A 61 19.07 -33.67 26.49
C GLU A 61 17.78 -33.35 27.24
N GLN A 62 17.87 -32.65 28.36
CA GLN A 62 16.63 -32.33 29.09
C GLN A 62 15.69 -31.53 28.20
N TYR A 63 16.24 -30.62 27.38
CA TYR A 63 15.42 -29.82 26.48
C TYR A 63 14.90 -30.68 25.33
N ARG A 64 15.75 -31.57 24.83
CA ARG A 64 15.34 -32.45 23.75
C ARG A 64 14.19 -33.34 24.22
N GLU A 65 14.35 -33.94 25.39
CA GLU A 65 13.33 -34.82 25.95
C GLU A 65 11.99 -34.10 26.01
N GLY A 66 12.02 -32.86 26.49
CA GLY A 66 10.79 -32.10 26.59
C GLY A 66 10.18 -31.84 25.22
N ALA A 67 11.02 -31.46 24.25
CA ALA A 67 10.53 -31.18 22.91
C ALA A 67 9.93 -32.43 22.28
N VAL A 68 10.62 -33.56 22.43
CA VAL A 68 10.13 -34.81 21.88
C VAL A 68 8.76 -35.13 22.47
N ARG A 69 8.59 -34.89 23.77
CA ARG A 69 7.31 -35.16 24.40
C ARG A 69 6.22 -34.26 23.80
N THR A 70 6.53 -33.00 23.51
CA THR A 70 5.52 -32.13 22.91
C THR A 70 5.16 -32.61 21.51
N VAL A 71 6.13 -33.20 20.81
CA VAL A 71 5.89 -33.71 19.46
C VAL A 71 4.90 -34.88 19.53
N ALA A 72 5.05 -35.71 20.55
CA ALA A 72 4.15 -36.85 20.72
C ALA A 72 2.75 -36.29 20.98
N SER A 73 2.70 -35.21 21.77
CA SER A 73 1.42 -34.57 22.08
C SER A 73 0.78 -34.05 20.80
N PHE A 74 1.59 -33.51 19.90
CA PHE A 74 1.07 -32.98 18.65
C PHE A 74 0.58 -34.07 17.70
N ARG A 75 1.14 -35.27 17.83
CA ARG A 75 0.71 -36.41 17.01
C ARG A 75 -0.71 -36.72 17.47
N GLU A 76 -0.90 -36.77 18.78
CA GLU A 76 -2.23 -37.05 19.33
C GLU A 76 -3.21 -35.97 18.94
N ARG A 77 -2.76 -34.71 19.02
CA ARG A 77 -3.63 -33.60 18.68
C ARG A 77 -4.11 -33.65 17.23
N LEU A 78 -3.20 -33.98 16.32
CA LEU A 78 -3.54 -34.05 14.90
C LEU A 78 -4.47 -35.23 14.61
N ASP A 79 -4.18 -36.36 15.22
CA ASP A 79 -4.98 -37.56 14.98
C ASP A 79 -6.40 -37.53 15.49
N ARG A 80 -6.75 -36.53 16.29
CA ARG A 80 -8.13 -36.39 16.75
C ARG A 80 -8.65 -35.02 16.35
N PHE A 81 -7.88 -34.37 15.48
CA PHE A 81 -8.22 -33.05 14.94
C PHE A 81 -8.72 -32.09 16.00
N GLU A 82 -7.96 -31.99 17.10
CA GLU A 82 -8.36 -31.12 18.19
C GLU A 82 -7.96 -29.66 18.02
N ASN A 83 -8.96 -28.80 17.81
CA ASN A 83 -8.74 -27.37 17.65
C ASN A 83 -7.75 -27.03 16.55
N LEU A 84 -7.98 -27.54 15.35
CA LEU A 84 -7.10 -27.27 14.21
C LEU A 84 -7.88 -26.74 13.02
N ASP A 85 -9.05 -26.17 13.28
CA ASP A 85 -9.89 -25.62 12.21
C ASP A 85 -9.53 -24.16 11.99
N HIS A 86 -8.25 -23.90 11.79
CA HIS A 86 -7.74 -22.56 11.56
C HIS A 86 -6.43 -22.67 10.80
N HIS A 87 -5.91 -21.53 10.32
CA HIS A 87 -4.68 -21.54 9.56
C HIS A 87 -3.40 -21.54 10.39
N ASN A 88 -3.51 -21.58 11.72
CA ASN A 88 -2.31 -21.60 12.55
C ASN A 88 -1.67 -22.98 12.70
N ILE A 89 -1.97 -23.88 11.77
CA ILE A 89 -1.39 -25.22 11.79
C ILE A 89 0.12 -25.08 11.62
N GLY A 90 0.53 -24.05 10.87
CA GLY A 90 1.94 -23.80 10.64
C GLY A 90 2.66 -23.44 11.92
N PHE A 91 2.10 -22.49 12.68
CA PHE A 91 2.70 -22.07 13.94
C PHE A 91 2.86 -23.27 14.86
N LEU A 92 1.87 -24.14 14.83
CA LEU A 92 1.86 -25.31 15.69
C LEU A 92 2.79 -26.44 15.29
N TYR A 93 2.82 -26.78 14.01
CA TYR A 93 3.65 -27.89 13.55
C TYR A 93 5.03 -27.58 12.96
N SER A 94 5.25 -26.35 12.52
CA SER A 94 6.57 -26.00 11.99
C SER A 94 7.57 -26.00 13.14
N LEU A 95 7.17 -25.42 14.27
CA LEU A 95 8.03 -25.31 15.44
C LEU A 95 8.14 -26.55 16.32
N SER A 96 7.39 -27.61 16.00
CA SER A 96 7.46 -28.82 16.81
C SER A 96 7.95 -30.02 16.00
N ALA A 97 7.10 -30.52 15.10
CA ALA A 97 7.45 -31.66 14.26
C ALA A 97 8.51 -31.33 13.21
N LYS A 98 8.25 -30.31 12.39
CA LYS A 98 9.21 -29.93 11.36
C LYS A 98 10.52 -29.57 12.05
N ALA A 99 10.42 -28.94 13.22
CA ALA A 99 11.60 -28.55 13.98
C ALA A 99 12.49 -29.76 14.29
N GLN A 100 11.88 -30.86 14.73
CA GLN A 100 12.65 -32.05 15.06
C GLN A 100 13.33 -32.62 13.81
N TRP A 101 12.67 -32.52 12.67
CA TRP A 101 13.24 -33.01 11.43
C TRP A 101 14.46 -32.16 11.07
N ILE A 102 14.32 -30.85 11.26
CA ILE A 102 15.41 -29.92 10.98
C ILE A 102 16.58 -30.14 11.93
N VAL A 103 16.28 -30.37 13.20
CA VAL A 103 17.31 -30.58 14.22
C VAL A 103 18.05 -31.90 14.14
N GLU A 104 17.32 -33.01 14.04
CA GLU A 104 17.96 -34.32 14.00
C GLU A 104 17.51 -35.30 12.93
N LYS A 105 16.76 -34.81 11.94
CA LYS A 105 16.30 -35.64 10.84
C LYS A 105 15.43 -36.81 11.30
N ASP A 106 14.54 -36.58 12.25
CA ASP A 106 13.68 -37.66 12.71
C ASP A 106 12.61 -37.92 11.64
N GLU A 107 12.57 -39.15 11.13
CA GLU A 107 11.61 -39.49 10.09
C GLU A 107 10.15 -39.41 10.54
N SER A 108 9.85 -39.88 11.74
CA SER A 108 8.48 -39.85 12.22
C SER A 108 8.01 -38.40 12.38
N ALA A 109 8.93 -37.51 12.76
CA ALA A 109 8.58 -36.10 12.92
C ALA A 109 8.29 -35.47 11.56
N ARG A 110 9.10 -35.85 10.57
CA ARG A 110 8.92 -35.35 9.22
C ARG A 110 7.53 -35.74 8.70
N LYS A 111 7.15 -36.98 8.95
CA LYS A 111 5.85 -37.49 8.51
C LYS A 111 4.71 -36.73 9.19
N LEU A 112 4.88 -36.46 10.49
CA LEU A 112 3.87 -35.73 11.24
C LEU A 112 3.69 -34.34 10.65
N ALA A 113 4.81 -33.67 10.35
CA ALA A 113 4.75 -32.34 9.77
C ALA A 113 4.05 -32.38 8.42
N LEU A 114 4.33 -33.42 7.64
CA LEU A 114 3.70 -33.56 6.33
C LEU A 114 2.21 -33.79 6.50
N ASP A 115 1.84 -34.63 7.47
CA ASP A 115 0.42 -34.90 7.71
C ASP A 115 -0.28 -33.60 8.07
N ALA A 116 0.38 -32.77 8.88
CA ALA A 116 -0.20 -31.48 9.28
C ALA A 116 -0.34 -30.56 8.07
N ALA A 117 0.69 -30.54 7.23
CA ALA A 117 0.66 -29.69 6.04
C ALA A 117 -0.55 -30.04 5.19
N ASP A 118 -0.87 -31.33 5.12
CA ASP A 118 -2.01 -31.82 4.36
C ASP A 118 -3.32 -31.20 4.83
N VAL A 119 -3.48 -31.13 6.15
CA VAL A 119 -4.66 -30.55 6.75
C VAL A 119 -4.74 -29.07 6.45
N LEU A 120 -3.61 -28.38 6.60
CA LEU A 120 -3.57 -26.95 6.34
C LEU A 120 -3.94 -26.67 4.89
N MET A 121 -3.49 -27.54 3.99
CA MET A 121 -3.79 -27.37 2.57
C MET A 121 -5.29 -27.25 2.28
N ARG A 122 -6.10 -27.97 3.05
CA ARG A 122 -7.54 -27.91 2.85
C ARG A 122 -8.21 -26.63 3.36
N ARG A 123 -7.41 -25.67 3.77
CA ARG A 123 -7.94 -24.39 4.25
C ARG A 123 -8.06 -23.48 3.03
N TRP A 124 -7.51 -23.94 1.91
CA TRP A 124 -7.54 -23.17 0.67
C TRP A 124 -8.94 -23.07 0.10
N ARG A 125 -9.32 -21.86 -0.30
CA ARG A 125 -10.64 -21.62 -0.87
C ARG A 125 -10.43 -21.17 -2.31
N ALA A 126 -10.53 -22.13 -3.24
CA ALA A 126 -10.33 -21.89 -4.66
C ALA A 126 -11.07 -20.69 -5.22
N ASP A 127 -12.36 -20.59 -4.94
CA ASP A 127 -13.16 -19.47 -5.44
C ASP A 127 -12.71 -18.11 -4.94
N ALA A 128 -12.13 -18.06 -3.75
CA ALA A 128 -11.67 -16.80 -3.18
C ALA A 128 -10.18 -16.56 -3.44
N GLY A 129 -9.43 -17.64 -3.69
CA GLY A 129 -8.01 -17.50 -3.95
C GLY A 129 -7.25 -17.15 -2.69
N ILE A 130 -7.74 -17.64 -1.55
CA ILE A 130 -7.10 -17.37 -0.27
C ILE A 130 -7.18 -18.58 0.65
N ILE A 131 -6.39 -18.53 1.72
CA ILE A 131 -6.39 -19.57 2.74
C ILE A 131 -7.29 -18.98 3.83
N GLN A 132 -8.37 -19.69 4.17
CA GLN A 132 -9.28 -19.21 5.19
C GLN A 132 -8.60 -19.19 6.55
N ALA A 133 -8.62 -18.02 7.20
CA ALA A 133 -7.98 -17.84 8.49
C ALA A 133 -8.63 -18.58 9.66
N TRP A 134 -9.94 -18.42 9.83
CA TRP A 134 -10.63 -19.04 10.96
C TRP A 134 -12.05 -19.50 10.62
N GLY A 135 -12.50 -20.53 11.31
CA GLY A 135 -13.84 -21.05 11.10
C GLY A 135 -13.93 -22.09 10.01
N PRO A 136 -15.07 -22.78 9.90
CA PRO A 136 -15.26 -23.81 8.87
C PRO A 136 -15.51 -23.19 7.49
N LYS A 137 -15.52 -24.03 6.46
CA LYS A 137 -15.75 -23.56 5.11
C LYS A 137 -17.10 -22.87 5.02
N GLY A 138 -17.16 -21.79 4.24
CA GLY A 138 -18.40 -21.06 4.07
C GLY A 138 -18.91 -20.32 5.29
N ASP A 139 -18.06 -20.17 6.31
CA ASP A 139 -18.45 -19.46 7.52
C ASP A 139 -19.08 -18.13 7.10
N PRO A 140 -20.29 -17.84 7.61
CA PRO A 140 -21.02 -16.60 7.31
C PRO A 140 -20.25 -15.29 7.39
N GLU A 141 -19.32 -15.18 8.34
CA GLU A 141 -18.56 -13.94 8.47
C GLU A 141 -17.05 -14.04 8.26
N ASN A 142 -16.50 -15.25 8.32
CA ASN A 142 -15.07 -15.43 8.13
C ASN A 142 -14.71 -16.32 6.94
N GLY A 143 -15.72 -16.63 6.12
CA GLY A 143 -15.49 -17.48 4.97
C GLY A 143 -14.46 -16.97 3.97
N GLY A 144 -14.38 -15.65 3.82
CA GLY A 144 -13.43 -15.08 2.89
C GLY A 144 -12.52 -14.07 3.56
N ARG A 145 -12.14 -14.35 4.80
CA ARG A 145 -11.29 -13.45 5.57
C ARG A 145 -9.88 -13.99 5.72
N ILE A 146 -8.90 -13.14 5.42
CA ILE A 146 -7.50 -13.52 5.58
C ILE A 146 -6.90 -12.63 6.65
N ILE A 147 -5.93 -13.17 7.37
CA ILE A 147 -5.26 -12.44 8.43
C ILE A 147 -3.78 -12.39 8.08
N ILE A 148 -3.11 -11.28 8.40
CA ILE A 148 -1.71 -11.15 8.07
C ILE A 148 -0.81 -12.20 8.74
N ASP A 149 -1.25 -12.77 9.85
CA ASP A 149 -0.45 -13.78 10.53
C ASP A 149 -0.34 -15.05 9.68
N CYS A 150 -1.24 -15.22 8.72
CA CYS A 150 -1.21 -16.40 7.86
C CYS A 150 0.10 -16.56 7.11
N LEU A 151 0.80 -15.47 6.88
CA LEU A 151 2.06 -15.51 6.17
C LEU A 151 3.07 -16.42 6.86
N LEU A 152 2.96 -16.53 8.19
CA LEU A 152 3.86 -17.37 8.98
C LEU A 152 3.44 -18.83 9.00
N ASN A 153 2.29 -19.12 8.39
CA ASN A 153 1.80 -20.50 8.33
C ASN A 153 2.08 -21.08 6.94
N LEU A 154 2.49 -20.22 6.01
CA LEU A 154 2.81 -20.68 4.67
C LEU A 154 4.09 -21.52 4.63
N PRO A 155 5.07 -21.23 5.52
CA PRO A 155 6.30 -22.02 5.51
C PRO A 155 6.05 -23.53 5.61
N LEU A 156 5.08 -23.93 6.42
CA LEU A 156 4.78 -25.37 6.55
C LEU A 156 4.39 -25.94 5.20
N LEU A 157 3.56 -25.21 4.46
CA LEU A 157 3.09 -25.65 3.14
C LEU A 157 4.24 -25.66 2.13
N LEU A 158 5.03 -24.59 2.11
CA LEU A 158 6.15 -24.50 1.19
C LEU A 158 7.16 -25.62 1.46
N TRP A 159 7.44 -25.88 2.72
CA TRP A 159 8.38 -26.94 3.09
C TRP A 159 7.85 -28.30 2.62
N ALA A 160 6.56 -28.54 2.85
CA ALA A 160 5.93 -29.81 2.46
C ALA A 160 5.98 -29.98 0.94
N GLY A 161 5.79 -28.89 0.23
CA GLY A 161 5.82 -28.94 -1.22
C GLY A 161 7.17 -29.39 -1.73
N GLU A 162 8.24 -28.90 -1.11
CA GLU A 162 9.58 -29.27 -1.51
C GLU A 162 9.89 -30.71 -1.10
N GLN A 163 9.27 -31.16 -0.02
CA GLN A 163 9.48 -32.53 0.45
C GLN A 163 8.77 -33.57 -0.41
N THR A 164 7.56 -33.23 -0.86
CA THR A 164 6.75 -34.14 -1.64
C THR A 164 6.85 -33.98 -3.15
N GLY A 165 7.18 -32.78 -3.60
CA GLY A 165 7.28 -32.53 -5.02
C GLY A 165 5.92 -32.16 -5.58
N ASP A 166 4.93 -32.01 -4.70
CA ASP A 166 3.58 -31.64 -5.10
C ASP A 166 3.53 -30.12 -5.31
N PRO A 167 3.35 -29.67 -6.56
CA PRO A 167 3.29 -28.25 -6.91
C PRO A 167 2.14 -27.45 -6.32
N GLU A 168 1.09 -28.13 -5.86
CA GLU A 168 -0.07 -27.44 -5.29
C GLU A 168 0.28 -26.62 -4.06
N TYR A 169 1.20 -27.12 -3.25
CA TYR A 169 1.61 -26.44 -2.03
C TYR A 169 2.14 -25.04 -2.33
N ARG A 170 3.14 -24.96 -3.21
CA ARG A 170 3.73 -23.69 -3.58
C ARG A 170 2.72 -22.79 -4.29
N ARG A 171 1.87 -23.39 -5.12
CA ARG A 171 0.87 -22.64 -5.85
C ARG A 171 -0.07 -21.85 -4.94
N VAL A 172 -0.65 -22.51 -3.95
CA VAL A 172 -1.57 -21.86 -3.04
C VAL A 172 -0.85 -20.86 -2.13
N ALA A 173 0.36 -21.21 -1.71
CA ALA A 173 1.14 -20.35 -0.84
C ALA A 173 1.51 -19.04 -1.53
N GLU A 174 2.02 -19.12 -2.76
CA GLU A 174 2.41 -17.89 -3.46
C GLU A 174 1.17 -17.05 -3.76
N ALA A 175 0.07 -17.72 -4.14
CA ALA A 175 -1.15 -16.99 -4.44
C ALA A 175 -1.61 -16.21 -3.22
N HIS A 176 -1.58 -16.86 -2.05
CA HIS A 176 -2.01 -16.21 -0.82
C HIS A 176 -1.06 -15.07 -0.44
N ALA A 177 0.24 -15.30 -0.57
CA ALA A 177 1.22 -14.28 -0.24
C ALA A 177 1.02 -13.04 -1.13
N LEU A 178 0.81 -13.24 -2.42
CA LEU A 178 0.62 -12.11 -3.32
C LEU A 178 -0.69 -11.38 -3.04
N LYS A 179 -1.75 -12.13 -2.70
CA LYS A 179 -3.02 -11.49 -2.41
C LYS A 179 -2.87 -10.66 -1.13
N SER A 180 -2.11 -11.19 -0.18
CA SER A 180 -1.85 -10.50 1.08
C SER A 180 -1.10 -9.21 0.82
N ARG A 181 -0.13 -9.27 -0.09
CA ARG A 181 0.66 -8.11 -0.43
C ARG A 181 -0.18 -7.00 -1.08
N ARG A 182 -1.10 -7.38 -1.95
CA ARG A 182 -1.93 -6.37 -2.61
C ARG A 182 -2.97 -5.74 -1.69
N PHE A 183 -3.61 -6.54 -0.85
CA PHE A 183 -4.66 -6.01 0.01
C PHE A 183 -4.41 -5.77 1.49
N LEU A 184 -3.45 -6.47 2.09
CA LEU A 184 -3.18 -6.25 3.52
C LEU A 184 -2.16 -5.14 3.74
N VAL A 185 -1.26 -4.95 2.80
CA VAL A 185 -0.23 -3.93 2.92
C VAL A 185 -0.75 -2.61 2.35
N ARG A 186 -0.49 -1.52 3.06
CA ARG A 186 -0.97 -0.21 2.63
C ARG A 186 0.08 0.58 1.84
N GLY A 187 -0.39 1.65 1.19
CA GLY A 187 0.48 2.49 0.38
C GLY A 187 1.56 3.26 1.13
N ASP A 188 1.40 3.40 2.45
CA ASP A 188 2.40 4.12 3.24
C ASP A 188 3.29 3.10 3.95
N ASP A 189 3.18 1.85 3.50
CA ASP A 189 3.97 0.73 4.03
C ASP A 189 3.52 0.19 5.39
N SER A 190 2.35 0.63 5.82
CA SER A 190 1.75 0.14 7.07
C SER A 190 0.93 -1.08 6.61
N SER A 191 0.07 -1.60 7.47
CA SER A 191 -0.72 -2.75 7.07
C SER A 191 -2.01 -2.94 7.84
N TYR A 192 -2.97 -3.57 7.17
CA TYR A 192 -4.26 -3.91 7.76
C TYR A 192 -4.00 -5.22 8.50
N HIS A 193 -4.82 -5.52 9.48
CA HIS A 193 -4.66 -6.76 10.23
C HIS A 193 -5.33 -7.91 9.47
N THR A 194 -6.55 -7.68 9.01
CA THR A 194 -7.29 -8.69 8.26
C THR A 194 -7.94 -8.05 7.03
N PHE A 195 -8.34 -8.87 6.07
CA PHE A 195 -8.99 -8.35 4.88
C PHE A 195 -10.09 -9.30 4.45
N TYR A 196 -11.21 -8.74 4.02
CA TYR A 196 -12.36 -9.54 3.60
C TYR A 196 -12.58 -9.55 2.09
N PHE A 197 -12.85 -10.74 1.56
CA PHE A 197 -13.11 -10.92 0.14
C PHE A 197 -14.44 -11.64 -0.04
N ASP A 198 -15.05 -11.47 -1.20
CA ASP A 198 -16.31 -12.15 -1.51
C ASP A 198 -15.97 -13.63 -1.66
N PRO A 199 -16.58 -14.49 -0.84
CA PRO A 199 -16.31 -15.93 -0.92
C PRO A 199 -16.59 -16.55 -2.29
N GLU A 200 -17.54 -15.95 -3.02
CA GLU A 200 -17.94 -16.49 -4.32
C GLU A 200 -16.98 -16.18 -5.47
N ASN A 201 -16.55 -14.93 -5.60
CA ASN A 201 -15.66 -14.55 -6.67
C ASN A 201 -14.29 -14.05 -6.23
N GLY A 202 -14.14 -13.76 -4.95
CA GLY A 202 -12.87 -13.28 -4.45
C GLY A 202 -12.68 -11.78 -4.56
N ASN A 203 -13.74 -11.06 -4.88
CA ASN A 203 -13.66 -9.59 -4.99
C ASN A 203 -13.25 -9.00 -3.65
N ALA A 204 -12.47 -7.92 -3.71
CA ALA A 204 -12.01 -7.25 -2.50
C ALA A 204 -13.15 -6.49 -1.85
N ILE A 205 -13.32 -6.66 -0.54
CA ILE A 205 -14.39 -5.98 0.17
C ILE A 205 -13.85 -4.85 1.05
N ARG A 206 -13.10 -5.20 2.08
CA ARG A 206 -12.55 -4.18 2.98
C ARG A 206 -11.47 -4.74 3.89
N GLY A 207 -10.67 -3.85 4.45
CA GLY A 207 -9.64 -4.25 5.38
C GLY A 207 -10.14 -3.90 6.76
N GLY A 208 -9.75 -4.67 7.77
CA GLY A 208 -10.21 -4.36 9.12
C GLY A 208 -9.52 -5.15 10.20
N THR A 209 -10.01 -5.01 11.43
CA THR A 209 -9.41 -5.70 12.56
C THR A 209 -10.30 -5.73 13.80
N HIS A 210 -10.02 -6.68 14.68
CA HIS A 210 -10.73 -6.82 15.94
C HIS A 210 -9.68 -6.67 17.04
N GLN A 211 -8.42 -6.55 16.61
CA GLN A 211 -7.29 -6.42 17.52
C GLN A 211 -6.68 -5.02 17.50
N GLY A 212 -6.38 -4.51 16.31
CA GLY A 212 -5.81 -3.17 16.21
C GLY A 212 -6.79 -2.13 16.73
N ASN A 213 -6.29 -0.95 17.06
CA ASN A 213 -7.15 0.11 17.60
C ASN A 213 -8.37 0.40 16.70
N THR A 214 -8.14 0.49 15.40
CA THR A 214 -9.23 0.72 14.44
C THR A 214 -8.89 0.00 13.14
N ASP A 215 -9.87 -0.14 12.25
CA ASP A 215 -9.61 -0.83 10.98
C ASP A 215 -8.46 -0.21 10.20
N GLY A 216 -8.26 1.11 10.34
CA GLY A 216 -7.20 1.77 9.62
C GLY A 216 -5.93 2.07 10.41
N SER A 217 -5.80 1.50 11.60
CA SER A 217 -4.60 1.75 12.42
C SER A 217 -3.50 0.78 12.04
N THR A 218 -2.45 0.73 12.85
CA THR A 218 -1.37 -0.19 12.57
C THR A 218 -1.04 -0.98 13.84
N TRP A 219 -1.61 -2.17 13.93
CA TRP A 219 -1.40 -3.05 15.07
C TRP A 219 0.06 -3.52 14.92
N THR A 220 0.89 -3.25 15.93
CA THR A 220 2.30 -3.58 15.77
C THR A 220 2.66 -5.04 15.57
N ARG A 221 1.94 -5.95 16.20
CA ARG A 221 2.27 -7.36 15.98
C ARG A 221 1.92 -7.71 14.54
N GLY A 222 0.84 -7.10 14.04
CA GLY A 222 0.43 -7.34 12.66
C GLY A 222 1.51 -6.92 11.70
N GLN A 223 2.05 -5.71 11.92
CA GLN A 223 3.10 -5.20 11.07
C GLN A 223 4.29 -6.15 11.16
N ALA A 224 4.56 -6.63 12.37
CA ALA A 224 5.67 -7.55 12.61
C ALA A 224 5.48 -8.86 11.83
N TRP A 225 4.27 -9.40 11.83
CA TRP A 225 3.99 -10.64 11.10
C TRP A 225 4.30 -10.39 9.63
N GLY A 226 3.94 -9.20 9.14
CA GLY A 226 4.20 -8.87 7.75
C GLY A 226 5.70 -8.84 7.45
N ILE A 227 6.46 -8.19 8.31
CA ILE A 227 7.90 -8.09 8.11
C ILE A 227 8.56 -9.46 8.01
N TYR A 228 8.34 -10.31 9.01
CA TYR A 228 8.94 -11.63 9.02
C TYR A 228 8.27 -12.54 8.00
N GLY A 229 6.95 -12.49 7.95
CA GLY A 229 6.20 -13.32 7.03
C GLY A 229 6.55 -13.14 5.56
N PHE A 230 6.57 -11.89 5.09
CA PHE A 230 6.91 -11.66 3.69
C PHE A 230 8.34 -12.07 3.38
N ALA A 231 9.23 -11.89 4.35
CA ALA A 231 10.63 -12.26 4.17
C ALA A 231 10.77 -13.79 4.08
N LEU A 232 9.98 -14.53 4.87
CA LEU A 232 10.06 -15.98 4.83
C LEU A 232 9.54 -16.51 3.50
N ASN A 233 8.46 -15.90 3.00
CA ASN A 233 7.91 -16.33 1.72
C ASN A 233 8.82 -15.92 0.57
N SER A 234 9.47 -14.78 0.71
CA SER A 234 10.40 -14.34 -0.34
C SER A 234 11.51 -15.38 -0.49
N ARG A 235 12.03 -15.87 0.63
CA ARG A 235 13.10 -16.87 0.58
C ARG A 235 12.66 -18.11 -0.17
N TYR A 236 11.52 -18.66 0.23
CA TYR A 236 10.99 -19.86 -0.41
C TYR A 236 10.66 -19.68 -1.89
N LEU A 237 10.05 -18.55 -2.22
CA LEU A 237 9.62 -18.29 -3.59
C LEU A 237 10.61 -17.57 -4.48
N GLY A 238 11.67 -17.01 -3.91
CA GLY A 238 12.63 -16.28 -4.71
C GLY A 238 11.88 -15.14 -5.38
N ASN A 239 10.98 -14.53 -4.63
CA ASN A 239 10.17 -13.43 -5.13
C ASN A 239 10.67 -12.09 -4.61
N ALA A 240 11.33 -11.34 -5.48
CA ALA A 240 11.89 -10.03 -5.13
C ALA A 240 10.85 -9.02 -4.68
N ASP A 241 9.61 -9.16 -5.15
CA ASP A 241 8.54 -8.25 -4.76
C ASP A 241 8.16 -8.41 -3.31
N LEU A 242 8.11 -9.65 -2.84
CA LEU A 242 7.76 -9.94 -1.44
C LEU A 242 8.89 -9.47 -0.52
N LEU A 243 10.14 -9.62 -0.98
CA LEU A 243 11.29 -9.17 -0.18
C LEU A 243 11.23 -7.65 -0.07
N GLU A 244 10.89 -6.99 -1.17
CA GLU A 244 10.78 -5.54 -1.17
C GLU A 244 9.71 -5.09 -0.18
N THR A 245 8.59 -5.81 -0.16
CA THR A 245 7.51 -5.47 0.77
C THR A 245 7.96 -5.65 2.22
N ALA A 246 8.74 -6.70 2.48
CA ALA A 246 9.24 -6.95 3.83
C ALA A 246 10.11 -5.77 4.25
N LYS A 247 10.95 -5.30 3.34
CA LYS A 247 11.84 -4.17 3.62
C LYS A 247 11.03 -2.90 3.86
N ARG A 248 10.01 -2.67 3.05
CA ARG A 248 9.18 -1.49 3.22
C ARG A 248 8.49 -1.49 4.58
N MET A 249 7.91 -2.63 4.95
CA MET A 249 7.24 -2.73 6.23
C MET A 249 8.21 -2.60 7.40
N ALA A 250 9.43 -3.09 7.21
CA ALA A 250 10.46 -3.01 8.25
C ALA A 250 10.83 -1.55 8.50
N ARG A 251 11.06 -0.79 7.43
CA ARG A 251 11.42 0.62 7.57
C ARG A 251 10.31 1.41 8.25
N HIS A 252 9.06 1.10 7.91
CA HIS A 252 7.90 1.78 8.50
C HIS A 252 7.89 1.53 10.01
N PHE A 253 8.13 0.27 10.37
CA PHE A 253 8.16 -0.15 11.77
C PHE A 253 9.29 0.57 12.52
N LEU A 254 10.49 0.50 11.97
CA LEU A 254 11.66 1.13 12.60
C LEU A 254 11.53 2.62 12.83
N ALA A 255 10.83 3.30 11.93
CA ALA A 255 10.65 4.74 12.04
C ALA A 255 9.71 5.12 13.18
N ARG A 256 8.99 4.14 13.70
CA ARG A 256 8.03 4.39 14.78
C ARG A 256 8.37 3.69 16.10
N VAL A 257 9.62 3.31 16.28
CA VAL A 257 10.05 2.69 17.52
C VAL A 257 10.23 3.82 18.54
N PRO A 258 9.64 3.67 19.74
CA PRO A 258 9.77 4.72 20.76
C PRO A 258 11.14 4.77 21.43
N GLU A 259 11.30 5.75 22.29
CA GLU A 259 12.54 6.00 23.00
C GLU A 259 13.26 4.78 23.60
N ASP A 260 12.55 3.91 24.30
CA ASP A 260 13.23 2.77 24.91
C ASP A 260 13.50 1.59 23.96
N GLY A 261 13.16 1.76 22.69
CA GLY A 261 13.43 0.72 21.72
C GLY A 261 12.44 -0.41 21.54
N VAL A 262 11.36 -0.42 22.32
CA VAL A 262 10.35 -1.48 22.21
C VAL A 262 9.00 -0.81 21.91
N VAL A 263 8.26 -1.35 20.94
CA VAL A 263 7.01 -0.74 20.52
C VAL A 263 5.79 -0.82 21.42
N TYR A 264 4.87 0.11 21.17
CA TYR A 264 3.60 0.16 21.86
C TYR A 264 2.75 -0.85 21.10
N TRP A 265 1.54 -1.11 21.57
CA TRP A 265 0.68 -2.11 20.92
C TRP A 265 0.12 -1.74 19.55
N ASP A 266 0.02 -0.44 19.28
CA ASP A 266 -0.48 0.07 17.99
C ASP A 266 0.25 1.38 17.75
N PHE A 267 0.64 1.63 16.51
CA PHE A 267 1.38 2.85 16.16
C PHE A 267 0.48 4.07 16.11
N GLU A 268 -0.81 3.85 15.92
CA GLU A 268 -1.73 4.96 15.80
C GLU A 268 -2.55 5.37 17.02
N VAL A 269 -2.02 5.07 18.21
CA VAL A 269 -2.65 5.48 19.46
C VAL A 269 -1.57 6.37 20.08
N PRO A 270 -1.91 7.16 21.10
CA PRO A 270 -0.87 8.00 21.70
C PRO A 270 0.35 7.17 22.11
N GLN A 271 1.52 7.56 21.64
CA GLN A 271 2.75 6.85 21.97
C GLN A 271 3.23 7.38 23.32
N GLU A 272 2.44 7.07 24.35
CA GLU A 272 2.67 7.52 25.72
C GLU A 272 2.97 6.37 26.68
N PRO A 273 3.88 6.61 27.65
CA PRO A 273 4.25 5.59 28.63
C PRO A 273 3.13 4.83 29.32
N SER A 274 1.97 5.47 29.53
CA SER A 274 0.87 4.77 30.20
C SER A 274 0.15 3.79 29.29
N SER A 275 0.45 3.85 27.99
CA SER A 275 -0.16 2.96 27.01
C SER A 275 0.50 1.59 27.03
N TYR A 276 -0.25 0.57 26.63
CA TYR A 276 0.27 -0.78 26.59
C TYR A 276 1.34 -0.96 25.52
N ARG A 277 2.28 -1.86 25.79
CA ARG A 277 3.35 -2.15 24.85
C ARG A 277 3.05 -3.51 24.23
N ASP A 278 3.93 -3.93 23.33
CA ASP A 278 3.85 -5.27 22.78
C ASP A 278 5.25 -5.70 22.48
N SER A 279 5.95 -6.16 23.51
CA SER A 279 7.32 -6.61 23.33
C SER A 279 7.41 -7.73 22.31
N SER A 280 6.32 -8.48 22.13
CA SER A 280 6.36 -9.58 21.16
C SER A 280 6.49 -9.07 19.73
N ALA A 281 5.93 -7.89 19.46
CA ALA A 281 6.03 -7.31 18.12
C ALA A 281 7.48 -6.97 17.83
N SER A 282 8.19 -6.46 18.83
CA SER A 282 9.60 -6.11 18.66
C SER A 282 10.45 -7.37 18.47
N ALA A 283 10.12 -8.43 19.22
CA ALA A 283 10.85 -9.69 19.12
C ALA A 283 10.66 -10.30 17.73
N ILE A 284 9.42 -10.29 17.24
CA ILE A 284 9.15 -10.83 15.91
C ILE A 284 9.92 -10.03 14.86
N THR A 285 9.88 -8.71 14.99
CA THR A 285 10.56 -7.86 14.03
C THR A 285 12.07 -8.06 14.04
N ALA A 286 12.64 -8.30 15.22
CA ALA A 286 14.08 -8.54 15.28
C ALA A 286 14.43 -9.73 14.39
N CYS A 287 13.62 -10.78 14.47
CA CYS A 287 13.85 -11.97 13.65
C CYS A 287 13.66 -11.66 12.17
N GLY A 288 12.63 -10.89 11.85
CA GLY A 288 12.36 -10.53 10.47
C GLY A 288 13.48 -9.71 9.86
N LEU A 289 14.03 -8.79 10.66
CA LEU A 289 15.13 -7.94 10.20
C LEU A 289 16.34 -8.79 9.82
N LEU A 290 16.65 -9.76 10.66
CA LEU A 290 17.78 -10.65 10.41
C LEU A 290 17.49 -11.54 9.20
N GLU A 291 16.24 -11.96 9.06
CA GLU A 291 15.86 -12.80 7.93
C GLU A 291 16.02 -12.00 6.64
N ILE A 292 15.54 -10.76 6.65
CA ILE A 292 15.65 -9.90 5.47
C ILE A 292 17.13 -9.71 5.13
N ALA A 293 17.93 -9.36 6.12
CA ALA A 293 19.34 -9.13 5.89
C ALA A 293 20.01 -10.37 5.28
N SER A 294 19.62 -11.55 5.73
CA SER A 294 20.21 -12.79 5.21
C SER A 294 19.93 -13.00 3.72
N GLN A 295 18.97 -12.28 3.18
CA GLN A 295 18.61 -12.40 1.77
C GLN A 295 19.18 -11.28 0.92
N LEU A 296 19.83 -10.32 1.55
CA LEU A 296 20.41 -9.20 0.82
C LEU A 296 21.87 -9.47 0.47
N ASP A 297 22.34 -8.86 -0.61
CA ASP A 297 23.70 -9.04 -1.07
C ASP A 297 24.63 -8.37 -0.06
N GLU A 298 25.79 -8.97 0.18
CA GLU A 298 26.74 -8.41 1.13
C GLU A 298 27.14 -6.98 0.78
N SER A 299 27.02 -6.60 -0.49
CA SER A 299 27.39 -5.26 -0.91
C SER A 299 26.27 -4.25 -0.70
N ASP A 300 25.11 -4.73 -0.25
CA ASP A 300 23.98 -3.84 0.00
C ASP A 300 24.16 -3.23 1.38
N PRO A 301 24.40 -1.90 1.44
CA PRO A 301 24.60 -1.23 2.71
C PRO A 301 23.44 -1.36 3.71
N GLU A 302 22.22 -1.54 3.19
CA GLU A 302 21.07 -1.68 4.06
C GLU A 302 21.09 -3.01 4.81
N ARG A 303 21.86 -3.97 4.31
CA ARG A 303 21.96 -5.27 4.96
C ARG A 303 22.47 -5.11 6.38
N GLN A 304 23.60 -4.43 6.55
CA GLN A 304 24.16 -4.22 7.87
C GLN A 304 23.28 -3.28 8.71
N ARG A 305 22.57 -2.38 8.04
CA ARG A 305 21.68 -1.47 8.75
C ARG A 305 20.57 -2.27 9.41
N PHE A 306 20.06 -3.28 8.71
CA PHE A 306 19.01 -4.12 9.27
C PHE A 306 19.57 -5.03 10.36
N ILE A 307 20.79 -5.52 10.18
CA ILE A 307 21.38 -6.37 11.20
C ILE A 307 21.59 -5.55 12.47
N ASP A 308 22.05 -4.32 12.32
CA ASP A 308 22.27 -3.45 13.49
C ASP A 308 20.95 -3.11 14.19
N ALA A 309 19.91 -2.90 13.39
CA ALA A 309 18.60 -2.58 13.95
C ALA A 309 18.11 -3.77 14.77
N ALA A 310 18.35 -4.97 14.28
CA ALA A 310 17.93 -6.18 14.99
C ALA A 310 18.69 -6.29 16.30
N LYS A 311 19.99 -6.02 16.27
CA LYS A 311 20.82 -6.09 17.48
C LYS A 311 20.32 -5.05 18.48
N THR A 312 20.06 -3.84 18.01
CA THR A 312 19.58 -2.77 18.86
C THR A 312 18.25 -3.17 19.52
N THR A 313 17.39 -3.82 18.75
CA THR A 313 16.09 -4.27 19.23
C THR A 313 16.26 -5.33 20.33
N VAL A 314 17.09 -6.33 20.08
CA VAL A 314 17.30 -7.38 21.06
C VAL A 314 17.91 -6.79 22.33
N THR A 315 18.84 -5.86 22.17
CA THR A 315 19.46 -5.22 23.33
C THR A 315 18.43 -4.40 24.11
N ALA A 316 17.53 -3.73 23.39
CA ALA A 316 16.50 -2.93 24.04
C ALA A 316 15.57 -3.85 24.83
N LEU A 317 15.29 -5.02 24.27
CA LEU A 317 14.42 -5.99 24.95
C LEU A 317 15.13 -6.53 26.18
N ARG A 318 16.40 -6.90 26.00
CA ARG A 318 17.17 -7.44 27.11
C ARG A 318 17.26 -6.45 28.27
N ASP A 319 17.62 -5.21 27.94
CA ASP A 319 17.78 -4.16 28.95
C ASP A 319 16.53 -3.74 29.70
N GLY A 320 15.44 -3.50 28.99
CA GLY A 320 14.23 -3.05 29.68
C GLY A 320 13.05 -3.98 29.84
N TYR A 321 13.10 -5.15 29.22
CA TYR A 321 11.96 -6.08 29.30
C TYR A 321 12.29 -7.51 29.72
N ALA A 322 13.54 -7.92 29.61
CA ALA A 322 13.91 -9.29 29.95
C ALA A 322 13.93 -9.59 31.45
N GLU A 323 13.41 -10.77 31.79
CA GLU A 323 13.36 -11.25 33.16
C GLU A 323 14.67 -11.98 33.45
N ARG A 324 15.19 -11.84 34.66
CA ARG A 324 16.41 -12.54 35.01
C ARG A 324 15.95 -13.87 35.62
N ASP A 325 16.77 -14.91 35.54
CA ASP A 325 16.38 -16.19 36.12
C ASP A 325 16.51 -16.11 37.64
N ASP A 326 15.47 -15.59 38.28
CA ASP A 326 15.44 -15.42 39.73
C ASP A 326 14.78 -16.62 40.44
N GLY A 327 14.60 -17.70 39.70
CA GLY A 327 13.99 -18.89 40.27
C GLY A 327 12.48 -18.84 40.37
N GLU A 328 11.90 -17.72 39.98
CA GLU A 328 10.44 -17.54 40.04
C GLU A 328 9.83 -17.21 38.68
N ALA A 329 10.42 -16.22 38.01
CA ALA A 329 9.92 -15.79 36.70
C ALA A 329 9.81 -16.93 35.71
N GLU A 330 8.72 -16.95 34.95
CA GLU A 330 8.50 -18.02 33.97
C GLU A 330 8.57 -17.55 32.52
N GLY A 331 8.71 -16.25 32.30
CA GLY A 331 8.79 -15.72 30.95
C GLY A 331 10.11 -15.04 30.65
N PHE A 332 10.47 -14.94 29.37
CA PHE A 332 11.73 -14.31 28.95
C PHE A 332 11.63 -12.79 28.94
N ILE A 333 10.55 -12.28 28.36
CA ILE A 333 10.36 -10.83 28.28
C ILE A 333 8.97 -10.40 28.74
N ARG A 334 8.94 -9.29 29.45
CA ARG A 334 7.69 -8.74 29.96
C ARG A 334 7.01 -7.83 28.96
N ARG A 335 5.81 -7.41 29.31
CA ARG A 335 5.02 -6.46 28.55
C ARG A 335 4.61 -6.78 27.13
N GLY A 336 4.29 -8.04 26.87
CA GLY A 336 3.79 -8.41 25.56
C GLY A 336 2.31 -8.13 25.75
N SER A 337 1.52 -8.16 24.67
CA SER A 337 0.09 -7.93 24.82
C SER A 337 -0.66 -8.88 23.89
N TYR A 338 -1.63 -9.61 24.45
CA TYR A 338 -2.40 -10.55 23.65
C TYR A 338 -3.55 -9.85 22.93
N HIS A 339 -4.54 -9.41 23.68
CA HIS A 339 -5.68 -8.71 23.09
C HIS A 339 -6.04 -7.47 23.91
N VAL A 340 -5.38 -6.36 23.60
CA VAL A 340 -5.60 -5.10 24.31
C VAL A 340 -7.07 -4.69 24.27
N ARG A 341 -7.66 -4.64 23.08
CA ARG A 341 -9.06 -4.25 22.96
C ARG A 341 -10.02 -5.14 23.73
N GLY A 342 -9.64 -6.40 23.90
CA GLY A 342 -10.49 -7.32 24.63
C GLY A 342 -10.12 -7.37 26.11
N GLY A 343 -9.04 -6.68 26.46
CA GLY A 343 -8.59 -6.67 27.85
C GLY A 343 -8.00 -8.01 28.26
N ILE A 344 -7.55 -8.80 27.29
CA ILE A 344 -6.97 -10.12 27.57
C ILE A 344 -5.44 -10.05 27.59
N SER A 345 -4.86 -10.27 28.77
CA SER A 345 -3.41 -10.25 28.97
C SER A 345 -2.72 -9.18 28.13
N PRO A 346 -3.02 -7.89 28.42
CA PRO A 346 -2.44 -6.76 27.70
C PRO A 346 -1.05 -6.30 28.17
N ASP A 347 -0.54 -6.90 29.24
CA ASP A 347 0.76 -6.51 29.78
C ASP A 347 1.25 -7.79 30.43
N ASP A 348 1.72 -8.71 29.59
CA ASP A 348 2.11 -10.03 30.06
C ASP A 348 3.12 -10.77 29.21
N TYR A 349 3.50 -11.94 29.70
CA TYR A 349 4.39 -12.80 28.94
C TYR A 349 3.53 -13.33 27.82
N THR A 350 4.10 -13.56 26.65
CA THR A 350 3.39 -14.19 25.55
C THR A 350 4.39 -15.23 25.09
N ILE A 351 3.94 -16.47 24.93
CA ILE A 351 4.88 -17.51 24.55
C ILE A 351 5.48 -17.27 23.17
N TRP A 352 4.77 -16.56 22.30
CA TRP A 352 5.33 -16.29 20.98
C TRP A 352 6.41 -15.23 21.11
N GLY A 353 6.17 -14.24 21.97
CA GLY A 353 7.17 -13.21 22.19
C GLY A 353 8.43 -13.87 22.69
N ASP A 354 8.28 -14.82 23.61
CA ASP A 354 9.43 -15.52 24.16
C ASP A 354 10.17 -16.32 23.08
N TYR A 355 9.42 -17.01 22.23
CA TYR A 355 10.07 -17.80 21.18
C TYR A 355 10.88 -16.93 20.23
N TYR A 356 10.29 -15.85 19.74
CA TYR A 356 11.01 -14.99 18.80
C TYR A 356 12.20 -14.28 19.44
N TYR A 357 12.08 -13.95 20.72
CA TYR A 357 13.17 -13.30 21.44
C TYR A 357 14.34 -14.30 21.44
N LEU A 358 14.06 -15.54 21.78
CA LEU A 358 15.11 -16.56 21.80
C LEU A 358 15.62 -16.87 20.39
N GLU A 359 14.73 -16.91 19.41
CA GLU A 359 15.18 -17.18 18.06
C GLU A 359 16.15 -16.08 17.61
N ALA A 360 15.82 -14.83 17.95
CA ALA A 360 16.69 -13.71 17.56
C ALA A 360 18.06 -13.89 18.22
N LEU A 361 18.05 -14.29 19.49
CA LEU A 361 19.30 -14.51 20.21
C LEU A 361 20.12 -15.64 19.59
N LEU A 362 19.45 -16.73 19.25
CA LEU A 362 20.16 -17.87 18.65
C LEU A 362 20.70 -17.50 17.27
N ARG A 363 19.97 -16.64 16.55
CA ARG A 363 20.41 -16.18 15.23
C ARG A 363 21.69 -15.37 15.39
N LEU A 364 21.68 -14.43 16.32
CA LEU A 364 22.83 -13.57 16.55
C LEU A 364 24.05 -14.26 17.13
N GLU A 365 23.81 -15.17 18.08
CA GLU A 365 24.90 -15.87 18.74
C GLU A 365 25.42 -17.15 18.06
N ARG A 366 24.53 -17.92 17.44
CA ARG A 366 24.94 -19.17 16.79
C ARG A 366 24.59 -19.31 15.32
N GLY A 367 23.83 -18.37 14.77
CA GLY A 367 23.45 -18.48 13.38
C GLY A 367 22.33 -19.49 13.20
N VAL A 368 21.68 -19.84 14.30
CA VAL A 368 20.57 -20.80 14.27
C VAL A 368 19.32 -20.01 13.88
N THR A 369 18.74 -20.38 12.74
CA THR A 369 17.59 -19.66 12.19
C THR A 369 16.16 -20.13 12.48
N GLY A 370 15.96 -20.91 13.53
CA GLY A 370 14.61 -21.34 13.81
C GLY A 370 14.17 -22.52 12.98
N TYR A 371 12.85 -22.69 12.85
CA TYR A 371 12.32 -23.83 12.13
C TYR A 371 11.31 -23.54 11.03
N TRP A 372 11.54 -22.45 10.30
CA TRP A 372 10.65 -22.06 9.21
C TRP A 372 11.12 -22.69 7.89
N TYR A 373 12.39 -23.06 7.85
CA TYR A 373 12.96 -23.70 6.67
C TYR A 373 14.21 -24.50 7.01
N GLU A 374 14.60 -25.39 6.10
CA GLU A 374 15.78 -26.24 6.30
C GLU A 374 17.02 -25.37 6.46
N ARG A 375 17.99 -25.85 7.25
CA ARG A 375 19.23 -25.10 7.42
C ARG A 375 19.97 -25.16 6.09
N GLY A 376 20.16 -24.01 5.46
CA GLY A 376 20.83 -23.97 4.18
C GLY A 376 19.80 -23.80 3.09
N ARG A 377 18.58 -23.46 3.49
CA ARG A 377 17.49 -23.24 2.54
C ARG A 377 17.16 -21.74 2.58
N MET B 1 10.59 15.87 -33.63
CA MET B 1 9.68 14.69 -33.63
C MET B 1 8.38 15.01 -32.90
N TRP B 2 8.22 16.25 -32.48
CA TRP B 2 7.02 16.67 -31.76
C TRP B 2 6.33 17.81 -32.50
N GLN B 3 7.06 18.47 -33.42
CA GLN B 3 6.49 19.58 -34.16
C GLN B 3 5.22 19.26 -34.94
N GLN B 4 5.19 18.13 -35.65
CA GLN B 4 4.02 17.74 -36.41
C GLN B 4 2.84 17.43 -35.49
N ALA B 5 3.10 16.72 -34.40
CA ALA B 5 2.06 16.36 -33.44
C ALA B 5 1.45 17.64 -32.86
N ILE B 6 2.30 18.57 -32.47
CA ILE B 6 1.83 19.83 -31.92
C ILE B 6 1.07 20.64 -32.97
N GLY B 7 1.59 20.63 -34.19
CA GLY B 7 0.95 21.36 -35.28
C GLY B 7 -0.49 20.94 -35.48
N ASP B 8 -0.77 19.65 -35.41
CA ASP B 8 -2.14 19.19 -35.56
C ASP B 8 -3.01 19.70 -34.41
N ALA B 9 -2.45 19.68 -33.20
CA ALA B 9 -3.18 20.17 -32.04
C ALA B 9 -3.47 21.67 -32.17
N LEU B 10 -2.51 22.42 -32.71
CA LEU B 10 -2.69 23.85 -32.88
C LEU B 10 -3.82 24.12 -33.87
N GLY B 11 -3.82 23.41 -34.98
CA GLY B 11 -4.85 23.61 -35.99
C GLY B 11 -6.23 23.25 -35.49
N ILE B 12 -6.33 22.13 -34.79
CA ILE B 12 -7.60 21.68 -34.26
C ILE B 12 -8.12 22.72 -33.26
N THR B 13 -7.25 23.18 -32.38
CA THR B 13 -7.64 24.17 -31.37
C THR B 13 -8.13 25.49 -31.97
N ALA B 14 -7.45 25.96 -33.01
CA ALA B 14 -7.84 27.22 -33.64
C ALA B 14 -9.24 27.12 -34.25
N ARG B 15 -9.54 25.99 -34.88
CA ARG B 15 -10.86 25.75 -35.47
C ARG B 15 -11.88 25.70 -34.34
N ASN B 16 -11.56 24.92 -33.32
CA ASN B 16 -12.44 24.75 -32.17
C ASN B 16 -12.77 26.08 -31.49
N LEU B 17 -11.76 26.90 -31.27
CA LEU B 17 -11.97 28.18 -30.60
C LEU B 17 -13.06 29.01 -31.28
N LYS B 18 -13.01 29.10 -32.59
CA LYS B 18 -14.01 29.87 -33.32
C LYS B 18 -15.39 29.22 -33.25
N LYS B 19 -15.45 27.91 -33.47
CA LYS B 19 -16.73 27.21 -33.44
C LYS B 19 -17.38 27.16 -32.08
N PHE B 20 -16.59 26.88 -31.04
CA PHE B 20 -17.11 26.78 -29.69
C PHE B 20 -17.54 28.13 -29.11
N GLY B 21 -16.93 29.20 -29.60
CA GLY B 21 -17.26 30.51 -29.09
C GLY B 21 -16.89 30.61 -27.62
N ASP B 22 -17.90 30.75 -26.77
CA ASP B 22 -17.67 30.86 -25.33
C ASP B 22 -17.98 29.58 -24.59
N ARG B 23 -18.32 28.53 -25.33
CA ARG B 23 -18.66 27.26 -24.70
C ARG B 23 -17.42 26.39 -24.46
N PHE B 24 -17.59 25.34 -23.66
CA PHE B 24 -16.48 24.45 -23.33
C PHE B 24 -16.67 22.99 -23.74
N PRO B 25 -15.63 22.36 -24.30
CA PRO B 25 -15.70 20.96 -24.72
C PRO B 25 -15.50 20.06 -23.51
N HIS B 26 -16.17 18.90 -23.50
CA HIS B 26 -16.07 17.93 -22.42
C HIS B 26 -15.57 16.58 -22.96
N VAL B 27 -16.44 15.88 -23.68
CA VAL B 27 -16.11 14.60 -24.28
C VAL B 27 -16.90 14.45 -25.58
N SER B 28 -16.48 13.53 -26.44
CA SER B 28 -17.24 13.29 -27.67
C SER B 28 -18.18 12.17 -27.28
N ASP B 29 -19.15 11.86 -28.15
CA ASP B 29 -20.10 10.80 -27.88
C ASP B 29 -20.49 10.08 -29.16
N GLY B 30 -19.57 9.27 -29.67
CA GLY B 30 -19.83 8.52 -30.89
C GLY B 30 -19.45 9.20 -32.19
N SER B 31 -18.78 10.34 -32.12
CA SER B 31 -18.38 11.06 -33.32
C SER B 31 -17.14 11.91 -33.09
N ASN B 32 -16.67 12.56 -34.15
CA ASN B 32 -15.47 13.38 -34.06
C ASN B 32 -15.80 14.81 -33.61
N LYS B 33 -16.95 14.98 -32.98
CA LYS B 33 -17.37 16.29 -32.48
C LYS B 33 -17.49 16.25 -30.97
N TYR B 34 -17.03 17.32 -30.32
CA TYR B 34 -17.11 17.43 -28.87
C TYR B 34 -18.52 17.84 -28.47
N VAL B 35 -18.94 17.42 -27.29
CA VAL B 35 -20.24 17.80 -26.75
C VAL B 35 -19.84 18.97 -25.86
N LEU B 36 -20.56 20.10 -25.97
CA LEU B 36 -20.22 21.30 -25.22
C LEU B 36 -21.15 21.64 -24.06
N ASN B 37 -20.60 22.39 -23.11
CA ASN B 37 -21.36 22.84 -21.95
C ASN B 37 -21.01 24.30 -21.71
N ASP B 38 -21.84 24.98 -20.93
CA ASP B 38 -21.62 26.40 -20.66
C ASP B 38 -20.85 26.62 -19.36
N ASN B 39 -19.76 25.88 -19.21
CA ASN B 39 -18.89 25.96 -18.02
C ASN B 39 -19.65 25.45 -16.82
N THR B 40 -20.08 24.19 -16.90
CA THR B 40 -20.85 23.58 -15.82
C THR B 40 -20.34 22.23 -15.33
N ASP B 41 -19.21 21.77 -15.86
CA ASP B 41 -18.66 20.48 -15.46
C ASP B 41 -17.35 20.61 -14.68
N TRP B 42 -16.63 19.50 -14.49
CA TRP B 42 -15.37 19.53 -13.75
C TRP B 42 -14.18 19.62 -14.70
N THR B 43 -14.47 19.56 -15.99
CA THR B 43 -13.43 19.55 -17.03
C THR B 43 -13.17 20.84 -17.81
N ASP B 44 -13.95 21.89 -17.54
CA ASP B 44 -13.81 23.15 -18.26
C ASP B 44 -12.43 23.77 -18.25
N GLY B 45 -11.69 23.60 -17.16
CA GLY B 45 -10.36 24.17 -17.06
C GLY B 45 -9.36 23.59 -18.06
N PHE B 46 -9.61 22.35 -18.49
CA PHE B 46 -8.72 21.71 -19.44
C PHE B 46 -8.72 22.46 -20.77
N TRP B 47 -9.86 23.04 -21.12
CA TRP B 47 -9.98 23.81 -22.35
C TRP B 47 -9.13 25.07 -22.20
N SER B 48 -9.22 25.71 -21.04
CA SER B 48 -8.43 26.91 -20.76
C SER B 48 -6.95 26.55 -20.82
N GLY B 49 -6.60 25.41 -20.23
CA GLY B 49 -5.22 24.97 -20.24
C GLY B 49 -4.70 24.74 -21.64
N ILE B 50 -5.53 24.15 -22.50
CA ILE B 50 -5.12 23.90 -23.88
C ILE B 50 -4.86 25.23 -24.58
N LEU B 51 -5.76 26.20 -24.38
CA LEU B 51 -5.58 27.50 -25.01
C LEU B 51 -4.28 28.17 -24.55
N TRP B 52 -4.01 28.13 -23.24
CA TRP B 52 -2.78 28.72 -22.73
C TRP B 52 -1.54 28.03 -23.30
N LEU B 53 -1.59 26.70 -23.41
CA LEU B 53 -0.45 25.97 -23.95
C LEU B 53 -0.21 26.34 -25.40
N CYS B 54 -1.29 26.46 -26.18
CA CYS B 54 -1.14 26.82 -27.59
C CYS B 54 -0.57 28.22 -27.70
N TYR B 55 -0.98 29.11 -26.79
CA TYR B 55 -0.48 30.47 -26.79
C TYR B 55 1.01 30.47 -26.49
N GLU B 56 1.41 29.71 -25.46
CA GLU B 56 2.81 29.65 -25.09
C GLU B 56 3.68 29.11 -26.22
N TYR B 57 3.14 28.19 -26.99
CA TYR B 57 3.89 27.59 -28.09
C TYR B 57 4.03 28.51 -29.29
N THR B 58 2.96 29.23 -29.61
CA THR B 58 2.94 30.09 -30.79
C THR B 58 3.09 31.59 -30.62
N GLY B 59 2.63 32.13 -29.50
CA GLY B 59 2.70 33.57 -29.30
C GLY B 59 1.57 34.20 -30.09
N ASP B 60 0.65 33.35 -30.56
CA ASP B 60 -0.50 33.79 -31.34
C ASP B 60 -1.60 34.26 -30.40
N GLU B 61 -1.90 35.55 -30.44
CA GLU B 61 -2.91 36.16 -29.58
C GLU B 61 -4.31 35.58 -29.68
N GLN B 62 -4.63 34.89 -30.76
CA GLN B 62 -5.96 34.31 -30.88
C GLN B 62 -6.20 33.33 -29.75
N TYR B 63 -5.15 32.61 -29.36
CA TYR B 63 -5.28 31.65 -28.26
C TYR B 63 -5.38 32.36 -26.92
N ARG B 64 -4.62 33.45 -26.78
CA ARG B 64 -4.63 34.22 -25.54
C ARG B 64 -6.01 34.84 -25.35
N GLU B 65 -6.53 35.44 -26.41
CA GLU B 65 -7.86 36.06 -26.35
C GLU B 65 -8.87 35.01 -25.91
N GLY B 66 -8.74 33.81 -26.47
CA GLY B 66 -9.66 32.74 -26.11
C GLY B 66 -9.52 32.32 -24.67
N ALA B 67 -8.28 32.20 -24.20
CA ALA B 67 -8.03 31.80 -22.82
C ALA B 67 -8.57 32.83 -21.84
N VAL B 68 -8.38 34.10 -22.15
CA VAL B 68 -8.85 35.17 -21.28
C VAL B 68 -10.37 35.18 -21.17
N ARG B 69 -11.05 34.85 -22.27
CA ARG B 69 -12.51 34.78 -22.25
C ARG B 69 -12.98 33.70 -21.30
N THR B 70 -12.25 32.58 -21.24
CA THR B 70 -12.66 31.50 -20.34
C THR B 70 -12.47 31.93 -18.89
N VAL B 71 -11.42 32.70 -18.64
CA VAL B 71 -11.15 33.16 -17.28
C VAL B 71 -12.28 34.07 -16.82
N ALA B 72 -12.79 34.90 -17.73
CA ALA B 72 -13.90 35.80 -17.39
C ALA B 72 -15.10 34.92 -17.05
N SER B 73 -15.24 33.82 -17.78
CA SER B 73 -16.33 32.88 -17.56
C SER B 73 -16.19 32.25 -16.18
N PHE B 74 -14.96 31.92 -15.80
CA PHE B 74 -14.69 31.31 -14.51
C PHE B 74 -14.87 32.31 -13.36
N ARG B 75 -14.58 33.58 -13.62
CA ARG B 75 -14.75 34.62 -12.61
C ARG B 75 -16.24 34.68 -12.31
N GLU B 76 -17.03 34.56 -13.36
CA GLU B 76 -18.48 34.58 -13.28
C GLU B 76 -18.99 33.33 -12.56
N ARG B 77 -18.43 32.18 -12.90
CA ARG B 77 -18.85 30.91 -12.30
C ARG B 77 -18.61 30.90 -10.80
N LEU B 78 -17.53 31.53 -10.36
CA LEU B 78 -17.21 31.56 -8.94
C LEU B 78 -18.19 32.44 -8.16
N ASP B 79 -18.49 33.62 -8.71
CA ASP B 79 -19.40 34.55 -8.06
C ASP B 79 -20.81 34.02 -7.91
N ARG B 80 -21.23 33.17 -8.84
CA ARG B 80 -22.58 32.59 -8.78
C ARG B 80 -22.51 31.19 -8.21
N PHE B 81 -21.33 30.82 -7.69
CA PHE B 81 -21.07 29.51 -7.12
C PHE B 81 -21.80 28.44 -7.93
N GLU B 82 -21.51 28.41 -9.22
CA GLU B 82 -22.11 27.49 -10.17
C GLU B 82 -21.42 26.13 -10.23
N ASN B 83 -22.11 25.12 -9.71
CA ASN B 83 -21.59 23.75 -9.70
C ASN B 83 -20.14 23.68 -9.22
N LEU B 84 -19.90 24.22 -8.04
CA LEU B 84 -18.56 24.22 -7.47
C LEU B 84 -18.58 23.58 -6.08
N ASP B 85 -19.63 22.82 -5.81
CA ASP B 85 -19.76 22.13 -4.52
C ASP B 85 -19.00 20.82 -4.63
N HIS B 86 -17.73 20.91 -4.99
CA HIS B 86 -16.90 19.73 -5.13
C HIS B 86 -15.40 20.03 -5.10
N HIS B 87 -14.61 18.96 -5.13
CA HIS B 87 -13.17 19.01 -5.08
C HIS B 87 -12.47 19.60 -6.33
N ASN B 88 -13.03 19.33 -7.49
CA ASN B 88 -12.44 19.78 -8.75
C ASN B 88 -12.25 21.27 -8.97
N ILE B 89 -12.18 22.05 -7.89
CA ILE B 89 -11.97 23.48 -8.02
C ILE B 89 -10.55 23.70 -8.55
N GLY B 90 -9.64 22.82 -8.15
CA GLY B 90 -8.27 22.92 -8.61
C GLY B 90 -8.19 22.68 -10.10
N PHE B 91 -8.81 21.60 -10.57
CA PHE B 91 -8.82 21.28 -12.00
C PHE B 91 -9.31 22.48 -12.81
N LEU B 92 -10.36 23.13 -12.30
CA LEU B 92 -10.97 24.26 -12.97
C LEU B 92 -10.17 25.56 -12.97
N TYR B 93 -9.67 25.96 -11.79
CA TYR B 93 -8.95 27.23 -11.67
C TYR B 93 -7.43 27.22 -11.82
N SER B 94 -6.78 26.08 -11.61
CA SER B 94 -5.33 26.02 -11.79
C SER B 94 -4.99 26.22 -13.27
N LEU B 95 -5.78 25.59 -14.13
CA LEU B 95 -5.55 25.65 -15.57
C LEU B 95 -6.13 26.88 -16.29
N SER B 96 -6.84 27.73 -15.56
CA SER B 96 -7.42 28.92 -16.17
C SER B 96 -6.87 30.19 -15.55
N ALA B 97 -7.32 30.52 -14.34
CA ALA B 97 -6.88 31.72 -13.63
C ALA B 97 -5.41 31.68 -13.22
N LYS B 98 -5.01 30.63 -12.50
CA LYS B 98 -3.61 30.53 -12.09
C LYS B 98 -2.74 30.46 -13.33
N ALA B 99 -3.22 29.79 -14.37
CA ALA B 99 -2.47 29.67 -15.61
C ALA B 99 -2.11 31.04 -16.15
N GLN B 100 -3.08 31.95 -16.21
CA GLN B 100 -2.84 33.28 -16.73
C GLN B 100 -1.78 34.00 -15.89
N TRP B 101 -1.83 33.80 -14.57
CA TRP B 101 -0.85 34.41 -13.68
C TRP B 101 0.53 33.88 -14.02
N ILE B 102 0.62 32.58 -14.25
CA ILE B 102 1.88 31.94 -14.58
C ILE B 102 2.41 32.40 -15.94
N VAL B 103 1.51 32.60 -16.89
CA VAL B 103 1.89 33.01 -18.24
C VAL B 103 2.20 34.50 -18.43
N GLU B 104 1.40 35.37 -17.84
CA GLU B 104 1.63 36.80 -18.01
C GLU B 104 1.53 37.68 -16.76
N LYS B 105 1.54 37.05 -15.59
CA LYS B 105 1.48 37.79 -14.33
C LYS B 105 0.29 38.73 -14.21
N ASP B 106 -0.89 38.28 -14.64
CA ASP B 106 -2.08 39.10 -14.54
C ASP B 106 -2.53 39.07 -13.09
N GLU B 107 -2.61 40.23 -12.46
CA GLU B 107 -3.02 40.31 -11.06
C GLU B 107 -4.46 39.89 -10.79
N SER B 108 -5.37 40.33 -11.63
CA SER B 108 -6.78 39.97 -11.45
C SER B 108 -6.97 38.46 -11.59
N ALA B 109 -6.13 37.83 -12.40
CA ALA B 109 -6.22 36.39 -12.60
C ALA B 109 -5.70 35.71 -11.35
N ARG B 110 -4.60 36.26 -10.82
CA ARG B 110 -3.99 35.73 -9.61
C ARG B 110 -5.00 35.76 -8.47
N LYS B 111 -5.68 36.89 -8.33
CA LYS B 111 -6.67 37.05 -7.27
C LYS B 111 -7.84 36.09 -7.45
N LEU B 112 -8.24 35.84 -8.70
CA LEU B 112 -9.34 34.92 -8.95
C LEU B 112 -8.93 33.52 -8.51
N ALA B 113 -7.68 33.16 -8.79
CA ALA B 113 -7.17 31.84 -8.40
C ALA B 113 -7.20 31.73 -6.89
N LEU B 114 -6.77 32.79 -6.21
CA LEU B 114 -6.77 32.80 -4.74
C LEU B 114 -8.18 32.67 -4.19
N ASP B 115 -9.14 33.37 -4.80
CA ASP B 115 -10.53 33.28 -4.35
C ASP B 115 -10.98 31.84 -4.43
N ALA B 116 -10.68 31.20 -5.57
CA ALA B 116 -11.04 29.81 -5.78
C ALA B 116 -10.38 28.92 -4.72
N ALA B 117 -9.09 29.15 -4.49
CA ALA B 117 -8.35 28.37 -3.50
C ALA B 117 -8.99 28.52 -2.12
N ASP B 118 -9.41 29.75 -1.83
CA ASP B 118 -10.04 30.06 -0.55
C ASP B 118 -11.34 29.28 -0.38
N VAL B 119 -12.12 29.17 -1.46
CA VAL B 119 -13.38 28.45 -1.39
C VAL B 119 -13.13 26.94 -1.39
N LEU B 120 -12.05 26.51 -2.05
CA LEU B 120 -11.72 25.10 -2.09
C LEU B 120 -11.43 24.63 -0.66
N MET B 121 -10.93 25.54 0.16
CA MET B 121 -10.64 25.24 1.55
C MET B 121 -11.92 24.84 2.27
N ARG B 122 -13.04 25.02 1.59
CA ARG B 122 -14.34 24.68 2.16
C ARG B 122 -14.82 23.30 1.71
N ARG B 123 -13.94 22.30 1.91
CA ARG B 123 -14.24 20.92 1.56
C ARG B 123 -13.45 20.08 2.54
N TRP B 124 -12.53 20.75 3.23
CA TRP B 124 -11.67 20.13 4.23
C TRP B 124 -12.50 19.73 5.43
N ARG B 125 -12.60 18.43 5.67
CA ARG B 125 -13.35 17.91 6.80
C ARG B 125 -12.37 17.59 7.93
N ALA B 126 -12.07 18.60 8.73
CA ALA B 126 -11.15 18.44 9.87
C ALA B 126 -11.54 17.23 10.70
N ASP B 127 -12.79 16.79 10.54
CA ASP B 127 -13.30 15.63 11.27
C ASP B 127 -12.64 14.37 10.74
N ALA B 128 -12.76 14.16 9.42
CA ALA B 128 -12.19 12.99 8.77
C ALA B 128 -10.79 13.28 8.23
N GLY B 129 -10.32 14.50 8.43
CA GLY B 129 -9.00 14.88 7.96
C GLY B 129 -8.83 14.67 6.47
N ILE B 130 -9.91 14.83 5.73
CA ILE B 130 -9.89 14.66 4.28
C ILE B 130 -10.64 15.78 3.57
N ILE B 131 -10.68 15.71 2.25
CA ILE B 131 -11.39 16.70 1.44
C ILE B 131 -12.51 15.97 0.71
N GLN B 132 -13.75 16.29 1.08
CA GLN B 132 -14.91 15.68 0.47
C GLN B 132 -14.92 15.94 -1.03
N ALA B 133 -14.87 14.87 -1.82
CA ALA B 133 -14.86 14.97 -3.27
C ALA B 133 -16.16 15.53 -3.82
N TRP B 134 -17.23 14.76 -3.71
CA TRP B 134 -18.54 15.19 -4.22
C TRP B 134 -19.58 15.20 -3.11
N GLY B 135 -20.77 15.69 -3.43
CA GLY B 135 -21.83 15.75 -2.45
C GLY B 135 -21.85 17.09 -1.74
N PRO B 136 -22.90 17.39 -0.97
CA PRO B 136 -23.01 18.67 -0.24
C PRO B 136 -21.88 18.86 0.79
N LYS B 137 -22.26 18.98 2.06
CA LYS B 137 -21.29 19.16 3.13
C LYS B 137 -21.32 17.93 4.03
N GLY B 138 -22.53 17.44 4.30
CA GLY B 138 -22.69 16.26 5.13
C GLY B 138 -23.47 15.20 4.36
N ASP B 139 -23.06 14.98 3.12
CA ASP B 139 -23.70 14.00 2.25
C ASP B 139 -23.90 12.65 2.94
N PRO B 140 -25.07 12.01 2.73
CA PRO B 140 -25.41 10.72 3.32
C PRO B 140 -24.58 9.55 2.77
N GLU B 141 -23.49 9.88 2.06
CA GLU B 141 -22.62 8.86 1.48
C GLU B 141 -21.28 9.47 1.08
N ASN B 142 -21.33 10.53 0.28
CA ASN B 142 -20.12 11.21 -0.18
C ASN B 142 -19.49 12.05 0.92
N GLY B 143 -20.12 12.04 2.10
CA GLY B 143 -19.62 12.82 3.23
C GLY B 143 -18.16 12.60 3.59
N GLY B 144 -17.74 11.34 3.65
CA GLY B 144 -16.36 11.05 4.00
C GLY B 144 -15.69 10.13 2.99
N ARG B 145 -15.77 10.51 1.71
CA ARG B 145 -15.19 9.71 0.64
C ARG B 145 -14.11 10.50 -0.10
N ILE B 146 -12.93 9.90 -0.25
CA ILE B 146 -11.85 10.56 -0.98
C ILE B 146 -11.65 9.83 -2.30
N ILE B 147 -11.29 10.59 -3.33
CA ILE B 147 -11.06 10.03 -4.66
C ILE B 147 -9.63 10.38 -5.06
N ILE B 148 -8.95 9.45 -5.72
CA ILE B 148 -7.56 9.67 -6.09
C ILE B 148 -7.37 10.87 -7.00
N ASP B 149 -8.42 11.23 -7.74
CA ASP B 149 -8.37 12.36 -8.64
C ASP B 149 -8.08 13.66 -7.87
N CYS B 150 -8.50 13.71 -6.61
CA CYS B 150 -8.31 14.89 -5.80
C CYS B 150 -6.87 15.34 -5.57
N LEU B 151 -5.91 14.46 -5.83
CA LEU B 151 -4.50 14.82 -5.67
C LEU B 151 -4.16 16.00 -6.58
N LEU B 152 -4.87 16.11 -7.69
CA LEU B 152 -4.65 17.17 -8.67
C LEU B 152 -5.30 18.51 -8.31
N ASN B 153 -6.11 18.51 -7.26
CA ASN B 153 -6.77 19.73 -6.81
C ASN B 153 -5.93 20.41 -5.72
N LEU B 154 -4.96 19.68 -5.20
CA LEU B 154 -4.08 20.20 -4.16
C LEU B 154 -3.11 21.29 -4.63
N PRO B 155 -2.60 21.19 -5.87
CA PRO B 155 -1.68 22.23 -6.33
C PRO B 155 -2.23 23.64 -6.17
N LEU B 156 -3.54 23.79 -6.36
CA LEU B 156 -4.16 25.11 -6.22
C LEU B 156 -3.97 25.60 -4.80
N LEU B 157 -4.20 24.70 -3.84
CA LEU B 157 -4.07 25.05 -2.43
C LEU B 157 -2.62 25.34 -2.05
N LEU B 158 -1.72 24.46 -2.46
CA LEU B 158 -0.30 24.62 -2.17
C LEU B 158 0.23 25.93 -2.74
N TRP B 159 -0.18 26.24 -3.97
CA TRP B 159 0.23 27.47 -4.63
C TRP B 159 -0.31 28.67 -3.84
N ALA B 160 -1.57 28.58 -3.43
CA ALA B 160 -2.22 29.65 -2.69
C ALA B 160 -1.51 29.91 -1.38
N GLY B 161 -1.13 28.84 -0.69
CA GLY B 161 -0.44 28.97 0.57
C GLY B 161 0.87 29.74 0.42
N GLU B 162 1.61 29.42 -0.63
CA GLU B 162 2.88 30.10 -0.87
C GLU B 162 2.67 31.55 -1.25
N GLN B 163 1.61 31.82 -1.99
CA GLN B 163 1.28 33.18 -2.43
C GLN B 163 0.90 34.07 -1.24
N THR B 164 0.08 33.53 -0.33
CA THR B 164 -0.39 34.28 0.82
C THR B 164 0.47 34.14 2.07
N GLY B 165 1.33 33.12 2.08
CA GLY B 165 2.17 32.91 3.25
C GLY B 165 1.37 32.30 4.38
N ASP B 166 0.15 31.87 4.07
CA ASP B 166 -0.73 31.25 5.06
C ASP B 166 -0.39 29.75 5.11
N PRO B 167 0.32 29.32 6.16
CA PRO B 167 0.74 27.93 6.37
C PRO B 167 -0.35 26.86 6.47
N GLU B 168 -1.61 27.28 6.60
CA GLU B 168 -2.70 26.32 6.71
C GLU B 168 -2.92 25.55 5.41
N TYR B 169 -2.75 26.23 4.28
CA TYR B 169 -2.92 25.60 2.98
C TYR B 169 -2.04 24.36 2.86
N ARG B 170 -0.75 24.52 3.10
CA ARG B 170 0.21 23.43 3.01
C ARG B 170 -0.19 22.30 3.96
N ARG B 171 -0.74 22.68 5.10
CA ARG B 171 -1.17 21.72 6.12
C ARG B 171 -2.28 20.81 5.62
N VAL B 172 -3.35 21.41 5.11
CA VAL B 172 -4.49 20.67 4.59
C VAL B 172 -4.11 19.80 3.39
N ALA B 173 -3.29 20.36 2.51
CA ALA B 173 -2.85 19.64 1.32
C ALA B 173 -2.01 18.42 1.70
N GLU B 174 -0.95 18.64 2.47
CA GLU B 174 -0.09 17.51 2.87
C GLU B 174 -0.90 16.44 3.59
N ALA B 175 -1.81 16.87 4.47
CA ALA B 175 -2.64 15.93 5.22
C ALA B 175 -3.46 15.04 4.28
N HIS B 176 -4.06 15.65 3.25
CA HIS B 176 -4.87 14.89 2.31
C HIS B 176 -4.01 13.99 1.42
N ALA B 177 -2.84 14.48 1.02
CA ALA B 177 -1.93 13.71 0.18
C ALA B 177 -1.45 12.47 0.93
N LEU B 178 -1.11 12.65 2.21
CA LEU B 178 -0.63 11.54 3.02
C LEU B 178 -1.73 10.50 3.25
N LYS B 179 -2.95 10.96 3.49
CA LYS B 179 -4.04 10.02 3.73
C LYS B 179 -4.35 9.24 2.46
N SER B 180 -4.21 9.90 1.32
CA SER B 180 -4.46 9.24 0.03
C SER B 180 -3.42 8.15 -0.16
N ARG B 181 -2.17 8.46 0.20
CA ARG B 181 -1.08 7.51 0.08
C ARG B 181 -1.33 6.26 0.92
N ARG B 182 -1.77 6.46 2.16
CA ARG B 182 -2.01 5.33 3.05
C ARG B 182 -3.20 4.47 2.66
N PHE B 183 -4.31 5.09 2.25
CA PHE B 183 -5.50 4.32 1.93
C PHE B 183 -5.90 4.09 0.48
N LEU B 184 -5.40 4.91 -0.44
CA LEU B 184 -5.75 4.72 -1.85
C LEU B 184 -4.73 3.86 -2.59
N VAL B 185 -3.47 3.93 -2.17
CA VAL B 185 -2.42 3.15 -2.80
C VAL B 185 -2.33 1.77 -2.17
N ARG B 186 -2.22 0.73 -3.00
CA ARG B 186 -2.15 -0.64 -2.50
C ARG B 186 -0.72 -1.13 -2.29
N GLY B 187 -0.60 -2.24 -1.57
CA GLY B 187 0.71 -2.80 -1.27
C GLY B 187 1.50 -3.32 -2.46
N ASP B 188 0.84 -3.52 -3.60
CA ASP B 188 1.51 -4.02 -4.79
C ASP B 188 1.74 -2.87 -5.77
N ASP B 189 1.56 -1.65 -5.26
CA ASP B 189 1.74 -0.41 -6.00
C ASP B 189 0.64 -0.05 -6.98
N SER B 190 -0.48 -0.78 -6.89
CA SER B 190 -1.65 -0.48 -7.71
C SER B 190 -2.42 0.52 -6.85
N SER B 191 -3.67 0.82 -7.22
CA SER B 191 -4.43 1.76 -6.43
C SER B 191 -5.94 1.60 -6.52
N TYR B 192 -6.62 2.05 -5.47
CA TYR B 192 -8.08 2.05 -5.42
C TYR B 192 -8.44 3.38 -6.06
N HIS B 193 -9.67 3.50 -6.55
CA HIS B 193 -10.13 4.74 -7.15
C HIS B 193 -10.64 5.67 -6.04
N THR B 194 -11.42 5.11 -5.11
CA THR B 194 -11.94 5.91 -4.00
C THR B 194 -11.83 5.12 -2.70
N PHE B 195 -11.96 5.83 -1.58
CA PHE B 195 -11.91 5.20 -0.26
C PHE B 195 -12.91 5.89 0.66
N TYR B 196 -13.62 5.10 1.44
CA TYR B 196 -14.64 5.64 2.34
C TYR B 196 -14.22 5.68 3.81
N PHE B 197 -14.56 6.78 4.48
CA PHE B 197 -14.25 6.96 5.89
C PHE B 197 -15.55 7.34 6.59
N ASP B 198 -15.65 6.98 7.86
CA ASP B 198 -16.84 7.32 8.64
C ASP B 198 -16.80 8.83 8.86
N PRO B 199 -17.82 9.55 8.35
CA PRO B 199 -17.91 11.01 8.47
C PRO B 199 -17.71 11.57 9.88
N GLU B 200 -18.21 10.86 10.89
CA GLU B 200 -18.08 11.32 12.27
C GLU B 200 -16.69 11.22 12.87
N ASN B 201 -16.20 10.00 13.08
CA ASN B 201 -14.87 9.81 13.66
C ASN B 201 -13.74 9.86 12.65
N GLY B 202 -14.01 9.46 11.41
CA GLY B 202 -12.99 9.49 10.38
C GLY B 202 -12.27 8.16 10.22
N ASN B 203 -12.81 7.10 10.82
CA ASN B 203 -12.20 5.78 10.73
C ASN B 203 -12.30 5.23 9.31
N ALA B 204 -11.28 4.48 8.90
CA ALA B 204 -11.25 3.90 7.57
C ALA B 204 -12.31 2.80 7.44
N ILE B 205 -13.06 2.84 6.34
CA ILE B 205 -14.10 1.84 6.11
C ILE B 205 -13.71 0.85 5.02
N ARG B 206 -13.48 1.34 3.81
CA ARG B 206 -13.11 0.46 2.69
C ARG B 206 -12.75 1.24 1.44
N GLY B 207 -12.09 0.55 0.52
CA GLY B 207 -11.70 1.15 -0.75
C GLY B 207 -12.65 0.64 -1.80
N GLY B 208 -12.91 1.43 -2.84
CA GLY B 208 -13.83 0.98 -3.87
C GLY B 208 -14.03 1.99 -4.98
N THR B 209 -14.98 1.70 -5.86
CA THR B 209 -15.24 2.59 -6.99
C THR B 209 -16.53 2.27 -7.72
N HIS B 210 -16.96 3.22 -8.55
CA HIS B 210 -18.14 3.08 -9.38
C HIS B 210 -17.68 3.25 -10.82
N GLN B 211 -16.40 3.60 -10.99
CA GLN B 211 -15.82 3.80 -12.32
C GLN B 211 -14.86 2.68 -12.72
N GLY B 212 -14.02 2.24 -11.77
CA GLY B 212 -13.09 1.17 -12.07
C GLY B 212 -13.90 -0.10 -12.27
N ASN B 213 -13.32 -1.13 -12.87
CA ASN B 213 -14.05 -2.37 -13.12
C ASN B 213 -14.64 -2.99 -11.84
N THR B 214 -13.82 -3.12 -10.80
CA THR B 214 -14.27 -3.66 -9.51
C THR B 214 -13.54 -2.89 -8.43
N ASP B 215 -14.01 -3.00 -7.17
CA ASP B 215 -13.37 -2.29 -6.07
C ASP B 215 -11.89 -2.62 -5.96
N GLY B 216 -11.54 -3.87 -6.24
CA GLY B 216 -10.15 -4.28 -6.14
C GLY B 216 -9.35 -4.20 -7.43
N SER B 217 -9.95 -3.66 -8.49
CA SER B 217 -9.26 -3.55 -9.77
C SER B 217 -8.41 -2.29 -9.82
N THR B 218 -7.72 -2.09 -10.93
CA THR B 218 -6.90 -0.90 -11.10
C THR B 218 -7.34 -0.11 -12.34
N TRP B 219 -8.13 0.93 -12.09
CA TRP B 219 -8.63 1.82 -13.14
C TRP B 219 -7.39 2.57 -13.60
N THR B 220 -7.08 2.51 -14.90
CA THR B 220 -5.86 3.15 -15.38
C THR B 220 -5.79 4.67 -15.22
N ARG B 221 -6.91 5.37 -15.35
CA ARG B 221 -6.86 6.81 -15.17
C ARG B 221 -6.62 7.10 -13.69
N GLY B 222 -7.14 6.24 -12.82
CA GLY B 222 -6.93 6.42 -11.40
C GLY B 222 -5.46 6.28 -11.06
N GLN B 223 -4.83 5.24 -11.61
CA GLN B 223 -3.41 5.01 -11.37
C GLN B 223 -2.63 6.21 -11.91
N ALA B 224 -3.07 6.72 -13.07
CA ALA B 224 -2.41 7.87 -13.67
C ALA B 224 -2.50 9.11 -12.77
N TRP B 225 -3.68 9.37 -12.23
CA TRP B 225 -3.88 10.50 -11.33
C TRP B 225 -2.89 10.37 -10.17
N GLY B 226 -2.69 9.14 -9.71
CA GLY B 226 -1.76 8.91 -8.62
C GLY B 226 -0.33 9.23 -9.01
N ILE B 227 0.07 8.76 -10.18
CA ILE B 227 1.43 8.99 -10.67
C ILE B 227 1.74 10.49 -10.74
N TYR B 228 0.95 11.23 -11.50
CA TYR B 228 1.20 12.67 -11.65
C TYR B 228 0.88 13.44 -10.37
N GLY B 229 -0.25 13.10 -9.75
CA GLY B 229 -0.66 13.77 -8.54
C GLY B 229 0.33 13.69 -7.38
N PHE B 230 0.84 12.49 -7.11
CA PHE B 230 1.80 12.36 -6.02
C PHE B 230 3.11 13.08 -6.35
N ALA B 231 3.47 13.09 -7.63
CA ALA B 231 4.70 13.78 -8.02
C ALA B 231 4.52 15.29 -7.84
N LEU B 232 3.36 15.81 -8.21
CA LEU B 232 3.10 17.23 -8.05
C LEU B 232 3.15 17.66 -6.60
N ASN B 233 2.55 16.86 -5.72
CA ASN B 233 2.55 17.17 -4.30
C ASN B 233 3.96 17.01 -3.73
N SER B 234 4.71 16.07 -4.28
CA SER B 234 6.08 15.83 -3.86
C SER B 234 6.91 17.09 -4.09
N ARG B 235 6.74 17.71 -5.26
CA ARG B 235 7.48 18.92 -5.58
C ARG B 235 7.22 20.03 -4.58
N TYR B 236 5.95 20.30 -4.32
CA TYR B 236 5.56 21.35 -3.38
C TYR B 236 6.01 21.10 -1.96
N LEU B 237 5.81 19.88 -1.48
CA LEU B 237 6.14 19.52 -0.12
C LEU B 237 7.57 19.05 0.11
N GLY B 238 8.31 18.79 -0.97
CA GLY B 238 9.66 18.31 -0.80
C GLY B 238 9.58 17.04 0.02
N ASN B 239 8.52 16.28 -0.21
CA ASN B 239 8.27 15.03 0.50
C ASN B 239 8.75 13.84 -0.32
N ALA B 240 9.85 13.25 0.12
CA ALA B 240 10.46 12.11 -0.58
C ALA B 240 9.56 10.88 -0.62
N ASP B 241 8.70 10.72 0.37
CA ASP B 241 7.81 9.56 0.41
C ASP B 241 6.76 9.65 -0.69
N LEU B 242 6.28 10.86 -0.97
CA LEU B 242 5.28 11.01 -2.02
C LEU B 242 5.91 10.78 -3.39
N LEU B 243 7.18 11.15 -3.53
CA LEU B 243 7.88 10.94 -4.79
C LEU B 243 8.13 9.45 -4.97
N GLU B 244 8.46 8.76 -3.88
CA GLU B 244 8.70 7.32 -3.94
C GLU B 244 7.41 6.63 -4.40
N THR B 245 6.28 7.07 -3.85
CA THR B 245 4.99 6.49 -4.22
C THR B 245 4.69 6.76 -5.69
N ALA B 246 5.03 7.94 -6.17
CA ALA B 246 4.79 8.27 -7.57
C ALA B 246 5.59 7.31 -8.43
N LYS B 247 6.85 7.08 -8.07
CA LYS B 247 7.69 6.17 -8.82
C LYS B 247 7.17 4.74 -8.77
N ARG B 248 6.71 4.31 -7.59
CA ARG B 248 6.18 2.96 -7.45
C ARG B 248 4.98 2.77 -8.38
N MET B 249 4.08 3.74 -8.36
CA MET B 249 2.88 3.66 -9.19
C MET B 249 3.22 3.73 -10.67
N ALA B 250 4.24 4.53 -11.00
CA ALA B 250 4.67 4.66 -12.39
C ALA B 250 5.20 3.32 -12.91
N ARG B 251 6.04 2.66 -12.13
CA ARG B 251 6.60 1.38 -12.58
C ARG B 251 5.50 0.33 -12.76
N HIS B 252 4.52 0.34 -11.86
CA HIS B 252 3.39 -0.59 -11.91
C HIS B 252 2.62 -0.40 -13.22
N PHE B 253 2.39 0.86 -13.55
CA PHE B 253 1.69 1.26 -14.77
C PHE B 253 2.47 0.81 -16.01
N LEU B 254 3.74 1.20 -16.06
CA LEU B 254 4.59 0.85 -17.19
C LEU B 254 4.70 -0.63 -17.48
N ALA B 255 4.67 -1.46 -16.43
CA ALA B 255 4.77 -2.90 -16.59
C ALA B 255 3.52 -3.51 -17.20
N ARG B 256 2.45 -2.73 -17.31
CA ARG B 256 1.21 -3.23 -17.84
C ARG B 256 0.72 -2.51 -19.10
N VAL B 257 1.65 -1.87 -19.79
CA VAL B 257 1.33 -1.16 -21.03
C VAL B 257 1.27 -2.22 -22.14
N PRO B 258 0.17 -2.26 -22.92
CA PRO B 258 0.06 -3.25 -23.99
C PRO B 258 0.94 -2.97 -25.20
N GLU B 259 0.91 -3.89 -26.16
CA GLU B 259 1.75 -3.80 -27.35
C GLU B 259 1.80 -2.46 -28.09
N ASP B 260 0.65 -1.82 -28.30
CA ASP B 260 0.69 -0.55 -29.03
C ASP B 260 1.08 0.67 -28.20
N GLY B 261 1.45 0.45 -26.94
CA GLY B 261 1.90 1.54 -26.10
C GLY B 261 0.90 2.41 -25.37
N VAL B 262 -0.39 2.15 -25.55
CA VAL B 262 -1.45 2.93 -24.92
C VAL B 262 -2.30 1.96 -24.10
N VAL B 263 -2.59 2.32 -22.86
CA VAL B 263 -3.32 1.41 -21.97
C VAL B 263 -4.80 1.20 -22.18
N TYR B 264 -5.26 0.07 -21.64
CA TYR B 264 -6.67 -0.28 -21.68
C TYR B 264 -7.27 0.55 -20.55
N TRP B 265 -8.60 0.57 -20.42
CA TRP B 265 -9.22 1.40 -19.38
C TRP B 265 -9.04 0.90 -17.95
N ASP B 266 -8.76 -0.39 -17.80
CA ASP B 266 -8.55 -0.99 -16.49
C ASP B 266 -7.52 -2.08 -16.69
N PHE B 267 -6.60 -2.26 -15.74
CA PHE B 267 -5.56 -3.27 -15.87
C PHE B 267 -6.03 -4.70 -15.61
N GLU B 268 -7.19 -4.85 -14.97
CA GLU B 268 -7.68 -6.17 -14.63
C GLU B 268 -8.74 -6.78 -15.56
N VAL B 269 -9.14 -6.06 -16.59
CA VAL B 269 -10.10 -6.58 -17.55
C VAL B 269 -9.22 -7.26 -18.60
N PRO B 270 -9.82 -8.01 -19.55
CA PRO B 270 -9.01 -8.67 -20.58
C PRO B 270 -8.13 -7.67 -21.33
N GLN B 271 -6.81 -7.87 -21.30
CA GLN B 271 -5.90 -6.98 -21.99
C GLN B 271 -5.77 -7.40 -23.45
N GLU B 272 -6.89 -7.29 -24.18
CA GLU B 272 -6.97 -7.65 -25.59
C GLU B 272 -7.68 -6.49 -26.30
N PRO B 273 -7.48 -6.36 -27.62
CA PRO B 273 -8.09 -5.29 -28.43
C PRO B 273 -9.60 -5.07 -28.29
N SER B 274 -10.33 -6.09 -27.85
CA SER B 274 -11.77 -5.94 -27.70
C SER B 274 -12.15 -5.08 -26.49
N SER B 275 -11.20 -4.90 -25.56
CA SER B 275 -11.45 -4.08 -24.38
C SER B 275 -11.25 -2.61 -24.71
N TYR B 276 -12.03 -1.74 -24.08
CA TYR B 276 -11.88 -0.31 -24.32
C TYR B 276 -10.54 0.19 -23.82
N ARG B 277 -10.08 1.28 -24.44
CA ARG B 277 -8.81 1.88 -24.06
C ARG B 277 -9.10 3.13 -23.26
N ASP B 278 -8.04 3.76 -22.80
CA ASP B 278 -8.16 5.06 -22.15
C ASP B 278 -6.88 5.79 -22.49
N SER B 279 -6.89 6.44 -23.65
CA SER B 279 -5.74 7.19 -24.09
C SER B 279 -5.43 8.33 -23.13
N SER B 280 -6.42 8.79 -22.37
CA SER B 280 -6.20 9.87 -21.43
C SER B 280 -5.31 9.44 -20.27
N ALA B 281 -5.41 8.17 -19.89
CA ALA B 281 -4.59 7.65 -18.80
C ALA B 281 -3.13 7.64 -19.22
N SER B 282 -2.88 7.27 -20.47
CA SER B 282 -1.52 7.25 -20.99
C SER B 282 -0.99 8.68 -21.08
N ALA B 283 -1.85 9.61 -21.47
CA ALA B 283 -1.43 11.01 -21.58
C ALA B 283 -1.08 11.60 -20.21
N ILE B 284 -1.92 11.34 -19.22
CA ILE B 284 -1.66 11.83 -17.87
C ILE B 284 -0.35 11.24 -17.38
N THR B 285 -0.18 9.95 -17.60
CA THR B 285 1.04 9.27 -17.15
C THR B 285 2.29 9.84 -17.81
N ALA B 286 2.21 10.17 -19.09
CA ALA B 286 3.37 10.75 -19.79
C ALA B 286 3.81 12.01 -19.05
N CYS B 287 2.85 12.84 -18.64
CA CYS B 287 3.19 14.06 -17.92
C CYS B 287 3.76 13.72 -16.55
N GLY B 288 3.17 12.73 -15.90
CA GLY B 288 3.64 12.32 -14.58
C GLY B 288 5.06 11.80 -14.62
N LEU B 289 5.39 11.05 -15.67
CA LEU B 289 6.74 10.50 -15.81
C LEU B 289 7.74 11.64 -15.93
N LEU B 290 7.41 12.62 -16.77
CA LEU B 290 8.28 13.76 -16.98
C LEU B 290 8.45 14.57 -15.70
N GLU B 291 7.36 14.69 -14.94
CA GLU B 291 7.41 15.43 -13.68
C GLU B 291 8.32 14.70 -12.71
N ILE B 292 8.14 13.39 -12.57
CA ILE B 292 8.98 12.61 -11.67
C ILE B 292 10.45 12.79 -12.06
N ALA B 293 10.74 12.63 -13.35
CA ALA B 293 12.10 12.76 -13.84
C ALA B 293 12.72 14.10 -13.48
N SER B 294 11.93 15.16 -13.59
CA SER B 294 12.42 16.51 -13.29
C SER B 294 12.83 16.66 -11.83
N GLN B 295 12.39 15.72 -10.98
CA GLN B 295 12.72 15.78 -9.55
C GLN B 295 13.85 14.82 -9.17
N LEU B 296 14.37 14.10 -10.16
CA LEU B 296 15.45 13.16 -9.91
C LEU B 296 16.80 13.76 -10.29
N ASP B 297 17.84 13.35 -9.59
CA ASP B 297 19.19 13.85 -9.88
C ASP B 297 19.63 13.22 -11.20
N GLU B 298 20.35 13.98 -12.02
CA GLU B 298 20.82 13.50 -13.32
C GLU B 298 21.61 12.20 -13.19
N SER B 299 22.31 12.03 -12.07
CA SER B 299 23.10 10.83 -11.84
C SER B 299 22.24 9.58 -11.70
N ASP B 300 20.96 9.77 -11.39
CA ASP B 300 20.05 8.65 -11.23
C ASP B 300 19.67 8.06 -12.59
N PRO B 301 20.11 6.83 -12.87
CA PRO B 301 19.82 6.17 -14.15
C PRO B 301 18.33 6.05 -14.46
N GLU B 302 17.49 6.16 -13.44
CA GLU B 302 16.06 6.04 -13.66
C GLU B 302 15.48 7.33 -14.23
N ARG B 303 16.20 8.44 -14.07
CA ARG B 303 15.71 9.70 -14.60
C ARG B 303 15.54 9.59 -16.11
N GLN B 304 16.58 9.14 -16.81
CA GLN B 304 16.50 9.00 -18.26
C GLN B 304 15.50 7.92 -18.64
N ARG B 305 15.40 6.87 -17.82
CA ARG B 305 14.48 5.80 -18.10
C ARG B 305 13.04 6.31 -18.11
N PHE B 306 12.71 7.19 -17.16
CA PHE B 306 11.37 7.75 -17.11
C PHE B 306 11.13 8.73 -18.25
N ILE B 307 12.14 9.50 -18.62
CA ILE B 307 12.01 10.45 -19.72
C ILE B 307 11.74 9.67 -21.01
N ASP B 308 12.50 8.61 -21.22
CA ASP B 308 12.33 7.81 -22.42
C ASP B 308 10.97 7.11 -22.43
N ALA B 309 10.48 6.73 -21.26
CA ALA B 309 9.18 6.08 -21.18
C ALA B 309 8.09 7.06 -21.60
N ALA B 310 8.24 8.32 -21.17
CA ALA B 310 7.27 9.36 -21.51
C ALA B 310 7.32 9.64 -23.01
N LYS B 311 8.53 9.70 -23.57
CA LYS B 311 8.66 9.94 -25.02
C LYS B 311 8.01 8.80 -25.78
N THR B 312 8.27 7.57 -25.34
CA THR B 312 7.69 6.40 -26.00
C THR B 312 6.17 6.47 -25.95
N THR B 313 5.66 6.90 -24.79
CA THR B 313 4.21 7.02 -24.58
C THR B 313 3.61 8.06 -25.53
N VAL B 314 4.23 9.23 -25.62
CA VAL B 314 3.71 10.29 -26.49
C VAL B 314 3.77 9.84 -27.94
N THR B 315 4.85 9.16 -28.30
CA THR B 315 4.97 8.69 -29.68
C THR B 315 3.89 7.65 -29.99
N ALA B 316 3.58 6.81 -29.00
CA ALA B 316 2.56 5.77 -29.19
C ALA B 316 1.18 6.42 -29.38
N LEU B 317 0.93 7.49 -28.63
CA LEU B 317 -0.35 8.19 -28.74
C LEU B 317 -0.41 8.87 -30.11
N ARG B 318 0.67 9.53 -30.49
CA ARG B 318 0.74 10.22 -31.77
C ARG B 318 0.53 9.28 -32.95
N ASP B 319 1.26 8.16 -32.96
CA ASP B 319 1.17 7.21 -34.06
C ASP B 319 -0.13 6.42 -34.15
N GLY B 320 -0.68 6.00 -33.01
CA GLY B 320 -1.89 5.21 -33.07
C GLY B 320 -3.21 5.87 -32.73
N TYR B 321 -3.18 7.01 -32.04
CA TYR B 321 -4.41 7.65 -31.60
C TYR B 321 -4.64 9.11 -31.97
N ALA B 322 -3.60 9.82 -32.39
CA ALA B 322 -3.75 11.24 -32.70
C ALA B 322 -4.51 11.52 -33.99
N GLU B 323 -5.37 12.52 -33.95
CA GLU B 323 -6.14 12.92 -35.12
C GLU B 323 -5.32 13.95 -35.89
N ARG B 324 -5.44 13.93 -37.21
CA ARG B 324 -4.74 14.92 -38.03
C ARG B 324 -5.70 16.11 -38.07
N ASP B 325 -5.17 17.31 -38.21
CA ASP B 325 -6.06 18.46 -38.32
C ASP B 325 -6.60 18.38 -39.74
N ASP B 326 -7.70 17.66 -39.92
CA ASP B 326 -8.29 17.49 -41.23
C ASP B 326 -9.41 18.49 -41.48
N GLY B 327 -9.50 19.50 -40.61
CA GLY B 327 -10.52 20.51 -40.75
C GLY B 327 -11.88 20.11 -40.20
N GLU B 328 -11.98 18.90 -39.66
CA GLU B 328 -13.25 18.42 -39.11
C GLU B 328 -13.12 17.85 -37.70
N ALA B 329 -12.12 16.99 -37.48
CA ALA B 329 -11.92 16.37 -36.18
C ALA B 329 -11.71 17.46 -35.13
N GLU B 330 -12.32 17.28 -33.95
CA GLU B 330 -12.21 18.28 -32.90
C GLU B 330 -11.36 17.86 -31.69
N GLY B 331 -10.88 16.62 -31.68
CA GLY B 331 -10.08 16.14 -30.57
C GLY B 331 -8.66 15.80 -30.96
N PHE B 332 -7.74 15.86 -30.00
CA PHE B 332 -6.33 15.55 -30.25
C PHE B 332 -6.07 14.06 -30.36
N ILE B 333 -6.56 13.30 -29.40
CA ILE B 333 -6.36 11.86 -29.40
C ILE B 333 -7.66 11.08 -29.26
N ARG B 334 -7.75 9.98 -29.98
CA ARG B 334 -8.93 9.13 -29.97
C ARG B 334 -8.85 8.11 -28.83
N ARG B 335 -9.95 7.39 -28.67
CA ARG B 335 -10.05 6.32 -27.69
C ARG B 335 -9.81 6.60 -26.22
N GLY B 336 -10.31 7.75 -25.77
CA GLY B 336 -10.22 8.05 -24.36
C GLY B 336 -11.50 7.39 -23.86
N SER B 337 -11.72 7.34 -22.56
CA SER B 337 -12.96 6.75 -22.06
C SER B 337 -13.39 7.51 -20.81
N TYR B 338 -14.67 7.87 -20.76
CA TYR B 338 -15.18 8.60 -19.61
C TYR B 338 -15.62 7.61 -18.54
N HIS B 339 -16.74 6.94 -18.80
CA HIS B 339 -17.30 5.96 -17.88
C HIS B 339 -17.63 4.66 -18.60
N VAL B 340 -16.65 3.76 -18.74
CA VAL B 340 -16.90 2.50 -19.43
C VAL B 340 -18.04 1.78 -18.72
N ARG B 341 -18.01 1.77 -17.38
CA ARG B 341 -19.08 1.15 -16.61
C ARG B 341 -20.25 2.11 -16.78
N GLY B 342 -21.19 1.74 -17.64
CA GLY B 342 -22.33 2.62 -17.88
C GLY B 342 -22.34 3.01 -19.33
N GLY B 343 -21.31 2.58 -20.06
CA GLY B 343 -21.20 2.87 -21.47
C GLY B 343 -21.33 4.34 -21.83
N ILE B 344 -20.77 5.22 -20.99
CA ILE B 344 -20.84 6.65 -21.27
C ILE B 344 -19.52 7.11 -21.90
N SER B 345 -19.56 7.43 -23.19
CA SER B 345 -18.38 7.86 -23.93
C SER B 345 -17.16 7.01 -23.62
N PRO B 346 -17.24 5.69 -23.91
CA PRO B 346 -16.17 4.73 -23.67
C PRO B 346 -15.07 4.63 -24.74
N ASP B 347 -15.23 5.35 -25.84
CA ASP B 347 -14.27 5.28 -26.94
C ASP B 347 -14.41 6.63 -27.63
N ASP B 348 -13.98 7.67 -26.92
CA ASP B 348 -14.15 9.03 -27.39
C ASP B 348 -13.05 10.00 -26.99
N TYR B 349 -13.20 11.24 -27.45
CA TYR B 349 -12.26 12.28 -27.08
C TYR B 349 -12.61 12.62 -25.64
N THR B 350 -11.61 13.04 -24.87
CA THR B 350 -11.82 13.50 -23.51
C THR B 350 -10.97 14.76 -23.46
N ILE B 351 -11.54 15.87 -23.00
CA ILE B 351 -10.79 17.11 -22.98
C ILE B 351 -9.58 17.03 -22.04
N TRP B 352 -9.67 16.21 -20.99
CA TRP B 352 -8.53 16.08 -20.08
C TRP B 352 -7.41 15.30 -20.79
N GLY B 353 -7.77 14.29 -21.57
CA GLY B 353 -6.77 13.53 -22.30
C GLY B 353 -6.06 14.46 -23.28
N ASP B 354 -6.84 15.31 -23.95
CA ASP B 354 -6.26 16.25 -24.90
C ASP B 354 -5.32 17.23 -24.19
N TYR B 355 -5.72 17.71 -23.02
CA TYR B 355 -4.87 18.64 -22.30
C TYR B 355 -3.52 18.03 -21.90
N TYR B 356 -3.56 16.85 -21.29
CA TYR B 356 -2.33 16.21 -20.87
C TYR B 356 -1.45 15.79 -22.05
N TYR B 357 -2.08 15.41 -23.15
CA TYR B 357 -1.33 15.03 -24.35
C TYR B 357 -0.56 16.27 -24.79
N LEU B 358 -1.24 17.41 -24.86
CA LEU B 358 -0.56 18.63 -25.28
C LEU B 358 0.46 19.11 -24.23
N GLU B 359 0.16 18.91 -22.95
CA GLU B 359 1.11 19.34 -21.93
C GLU B 359 2.39 18.51 -22.06
N ALA B 360 2.25 17.23 -22.36
CA ALA B 360 3.40 16.36 -22.51
C ALA B 360 4.24 16.82 -23.70
N LEU B 361 3.56 17.19 -24.79
CA LEU B 361 4.26 17.66 -25.98
C LEU B 361 5.00 18.97 -25.70
N LEU B 362 4.34 19.88 -25.00
CA LEU B 362 4.95 21.17 -24.65
C LEU B 362 6.13 20.96 -23.71
N ARG B 363 6.04 19.94 -22.86
CA ARG B 363 7.12 19.63 -21.93
C ARG B 363 8.34 19.15 -22.71
N LEU B 364 8.11 18.20 -23.62
CA LEU B 364 9.18 17.62 -24.41
C LEU B 364 9.82 18.57 -25.41
N GLU B 365 8.99 19.35 -26.09
CA GLU B 365 9.48 20.27 -27.12
C GLU B 365 9.96 21.64 -26.62
N ARG B 366 9.33 22.16 -25.59
CA ARG B 366 9.70 23.49 -25.11
C ARG B 366 10.04 23.62 -23.63
N GLY B 367 9.88 22.53 -22.88
CA GLY B 367 10.17 22.61 -21.45
C GLY B 367 9.07 23.33 -20.71
N VAL B 368 7.92 23.52 -21.36
CA VAL B 368 6.76 24.18 -20.74
C VAL B 368 6.06 23.12 -19.90
N THR B 369 5.98 23.36 -18.59
CA THR B 369 5.41 22.38 -17.66
C THR B 369 3.96 22.49 -17.21
N GLY B 370 3.12 23.20 -17.97
CA GLY B 370 1.74 23.30 -17.55
C GLY B 370 1.51 24.38 -16.50
N TYR B 371 0.40 24.26 -15.78
CA TYR B 371 0.03 25.26 -14.79
C TYR B 371 -0.27 24.76 -13.39
N TRP B 372 0.49 23.75 -12.95
CA TRP B 372 0.29 23.20 -11.61
C TRP B 372 1.19 23.94 -10.62
N TYR B 373 2.19 24.63 -11.13
CA TYR B 373 3.11 25.39 -10.30
C TYR B 373 3.89 26.43 -11.12
N GLU B 374 4.44 27.44 -10.44
CA GLU B 374 5.21 28.50 -11.09
C GLU B 374 6.41 27.92 -11.84
N ARG B 375 6.73 28.48 -12.99
CA ARG B 375 7.86 28.01 -13.80
C ARG B 375 9.16 28.14 -13.03
N GLY B 376 9.20 29.07 -12.09
CA GLY B 376 10.41 29.31 -11.32
C GLY B 376 10.43 28.62 -9.97
N ARG B 377 9.67 27.54 -9.82
CA ARG B 377 9.65 26.82 -8.56
C ARG B 377 10.29 25.43 -8.72
C1 NDG C . -9.39 -15.83 17.94
C2 NDG C . -8.46 -15.79 16.73
C3 NDG C . -7.03 -15.45 17.16
C4 NDG C . -7.07 -14.16 17.97
C5 NDG C . -8.07 -14.28 19.12
C6 NDG C . -8.11 -12.98 19.93
C7 NDG C . -8.23 -17.23 14.75
C8 NDG C . -8.00 -15.93 13.97
O5 NDG C . -9.37 -14.56 18.59
O3 NDG C . -6.25 -15.30 15.96
O4 NDG C . -5.77 -13.89 18.51
O6 NDG C . -6.84 -12.73 20.52
O7 NDG C . -8.19 -18.32 14.16
N2 NDG C . -8.45 -17.10 16.05
O1 NDG C . -8.97 -16.84 18.85
C1 GAD C . -4.84 -15.46 16.18
C2 GAD C . -4.22 -15.86 14.84
O2 GAD C . -4.88 -17.01 14.29
C3 GAD C . -2.73 -16.15 15.04
O3 GAD C . -2.08 -16.21 13.76
C4 GAD C . -2.14 -15.01 15.86
C5 GAD C . -2.95 -14.12 16.56
C6 GAD C . -2.28 -13.00 17.37
O6A GAD C . -1.15 -12.63 17.00
O6B GAD C . -2.89 -12.55 18.36
O5 GAD C . -4.30 -14.19 16.54
C1 NDG D . -19.63 14.47 -12.66
C2 NDG D . -18.46 14.30 -11.69
C3 NDG D . -17.44 13.30 -12.26
C4 NDG D . -18.20 11.99 -12.56
C5 NDG D . -19.38 12.28 -13.49
C6 NDG D . -20.15 10.98 -13.77
C7 NDG D . -17.62 16.09 -10.24
C8 NDG D . -18.12 15.21 -9.09
O5 NDG D . -20.28 13.21 -12.87
O3 NDG D . -16.42 13.06 -11.29
O4 NDG D . -17.32 11.07 -13.19
O6 NDG D . -21.25 11.25 -14.64
O7 NDG D . -17.09 17.18 -10.02
N2 NDG D . -17.80 15.59 -11.46
O1 NDG D . -19.16 14.99 -13.91
C1 GAD D . -15.12 13.32 -11.83
C2 GAD D . -14.19 13.72 -10.69
O2 GAD D . -14.76 14.80 -9.93
C3 GAD D . -12.83 14.13 -11.25
O3 GAD D . -11.86 14.13 -10.19
C4 GAD D . -12.43 13.12 -12.33
C5 GAD D . -13.32 12.20 -12.83
C6 GAD D . -12.82 11.21 -13.89
O6A GAD D . -11.59 11.06 -14.00
O6B GAD D . -13.67 10.62 -14.59
O5 GAD D . -14.62 12.12 -12.41
#